data_9E7N
#
_entry.id   9E7N
#
_cell.length_a   79.919
_cell.length_b   79.919
_cell.length_c   342.703
_cell.angle_alpha   90.00
_cell.angle_beta   90.00
_cell.angle_gamma   90.00
#
_symmetry.space_group_name_H-M   'P 43 21 2'
#
loop_
_entity.id
_entity.type
_entity.pdbx_description
1 polymer 'Gametocyte surface protein P230'
2 polymer 'Nanobody W2809'
3 branched alpha-D-mannopyranose-(1-3)-[alpha-D-mannopyranose-(1-6)]beta-D-mannopyranose-(1-4)-2-acetamido-2-deoxy-beta-D-glucopyranose-(1-4)-2-acetamido-2-deoxy-beta-D-glucopyranose
4 branched 2-acetamido-2-deoxy-beta-D-glucopyranose-(1-4)-2-acetamido-2-deoxy-beta-D-glucopyranose
5 non-polymer GLYCEROL
6 non-polymer 2-acetamido-2-deoxy-beta-D-glucopyranose
7 non-polymer DI(HYDROXYETHYL)ETHER
8 water water
#
loop_
_entity_poly.entity_id
_entity_poly.type
_entity_poly.pdbx_seq_one_letter_code
_entity_poly.pdbx_strand_id
1 'polypeptide(L)'
;GASKKTIGKDICKYDVTTKVATCEIIDTIDSSVLKEHHTVHYSITLSRWDKLIIKYPTNEKTHFENFFVNPFNLKDKVLY
NYNKPINIEHILPGAITTDIYDTRTKIKQYILRIPPYVHKDIHFSLEFNNSLSLTKQNQNIIYGNVAKIFIHINQGYKEI
HGCDFTGKYSHLFTYSKKPLPNDDDICNVTIGNNTFSGFACLSHFELKPNNCFSSVYDYNEANKVKKLFDLSTKVELDHI
KQNTSGYTLSYIIFNKESTKLKFSCTCSSNYSNYTIRITFDPNYIIPE
;
B,A
2 'polypeptide(L)'
;QVQLQESGGGLVQAGGSLRLSCAASEHTFRDYAMGWFRQAPGKEREFVAAISWSGSIKYYADSVKGRFTISRDNAKRTQY
LQMSSLKPEDTAVYYCAARWPGGGMWYEPPYDYWGQGTQVTVSSHHHHHH
;
C,D
#
# COMPACT_ATOMS: atom_id res chain seq x y z
N ILE A 11 -10.81 -21.86 26.78
CA ILE A 11 -9.43 -22.12 26.39
C ILE A 11 -9.30 -22.01 24.85
N CYS A 12 -8.06 -21.93 24.36
CA CYS A 12 -7.78 -21.94 22.93
C CYS A 12 -7.42 -23.36 22.50
N LYS A 13 -8.11 -23.86 21.48
CA LYS A 13 -7.86 -25.20 20.97
C LYS A 13 -7.72 -25.16 19.46
N TYR A 14 -6.71 -25.86 18.93
CA TYR A 14 -6.50 -25.99 17.49
C TYR A 14 -6.89 -27.40 17.07
N ASP A 15 -7.98 -27.52 16.31
CA ASP A 15 -8.41 -28.81 15.78
C ASP A 15 -7.64 -29.08 14.50
N VAL A 16 -6.62 -29.95 14.59
CA VAL A 16 -5.74 -30.24 13.46
C VAL A 16 -6.50 -30.81 12.27
N THR A 17 -7.71 -31.31 12.49
CA THR A 17 -8.47 -31.93 11.41
C THR A 17 -9.16 -30.88 10.53
N THR A 18 -9.75 -29.86 11.15
CA THR A 18 -10.46 -28.82 10.42
C THR A 18 -9.60 -27.60 10.11
N LYS A 19 -8.36 -27.57 10.59
CA LYS A 19 -7.45 -26.44 10.42
C LYS A 19 -8.05 -25.17 11.01
N VAL A 20 -8.68 -25.30 12.18
CA VAL A 20 -9.39 -24.20 12.83
C VAL A 20 -8.94 -24.11 14.27
N ALA A 21 -8.57 -22.91 14.70
CA ALA A 21 -8.30 -22.63 16.12
C ALA A 21 -9.47 -21.83 16.68
N THR A 22 -10.10 -22.36 17.73
CA THR A 22 -11.24 -21.73 18.38
C THR A 22 -10.87 -21.33 19.80
N CYS A 23 -11.18 -20.08 20.15
CA CYS A 23 -10.97 -19.55 21.49
C CYS A 23 -12.26 -18.89 21.98
N GLU A 24 -12.64 -19.19 23.21
CA GLU A 24 -13.79 -18.54 23.84
C GLU A 24 -13.28 -17.73 25.02
N ILE A 25 -13.37 -16.41 24.91
CA ILE A 25 -12.91 -15.50 25.97
C ILE A 25 -14.13 -14.80 26.55
N ILE A 26 -14.85 -15.48 27.43
CA ILE A 26 -16.05 -14.90 28.03
C ILE A 26 -16.07 -15.20 29.52
N ASP A 27 -16.11 -16.49 29.86
CA ASP A 27 -16.15 -16.87 31.27
C ASP A 27 -14.80 -16.65 31.96
N THR A 28 -13.71 -16.61 31.20
CA THR A 28 -12.39 -16.38 31.82
C THR A 28 -12.22 -14.96 32.30
N ILE A 29 -12.96 -13.99 31.75
CA ILE A 29 -12.84 -12.59 32.12
C ILE A 29 -14.12 -12.04 32.73
N ASP A 30 -15.11 -12.91 32.99
CA ASP A 30 -16.36 -12.46 33.59
C ASP A 30 -16.11 -11.78 34.92
N SER A 31 -16.82 -10.68 35.17
CA SER A 31 -16.67 -9.95 36.43
C SER A 31 -17.55 -10.50 37.55
N SER A 32 -18.35 -11.53 37.27
CA SER A 32 -19.18 -12.14 38.30
C SER A 32 -18.54 -13.39 38.91
N VAL A 33 -17.59 -14.01 38.23
CA VAL A 33 -16.93 -15.20 38.73
C VAL A 33 -15.63 -14.78 39.41
N LEU A 34 -15.16 -15.61 40.33
CA LEU A 34 -13.87 -15.40 40.99
C LEU A 34 -12.81 -16.23 40.29
N LYS A 35 -11.63 -15.64 40.12
CA LYS A 35 -10.54 -16.27 39.40
C LYS A 35 -9.24 -16.04 40.17
N GLU A 36 -8.32 -16.98 40.04
CA GLU A 36 -7.03 -16.84 40.70
C GLU A 36 -6.16 -15.79 40.00
N HIS A 37 -6.02 -15.89 38.69
CA HIS A 37 -5.10 -15.03 37.93
C HIS A 37 -5.87 -13.91 37.24
N HIS A 38 -5.42 -12.68 37.46
CA HIS A 38 -6.04 -11.53 36.81
C HIS A 38 -5.74 -11.49 35.32
N THR A 39 -4.59 -12.06 34.90
CA THR A 39 -4.17 -12.07 33.51
C THR A 39 -3.72 -13.48 33.13
N VAL A 40 -4.30 -14.02 32.07
CA VAL A 40 -3.93 -15.34 31.55
C VAL A 40 -3.43 -15.20 30.12
N HIS A 41 -2.50 -16.06 29.75
CA HIS A 41 -1.88 -16.04 28.43
C HIS A 41 -2.18 -17.33 27.68
N TYR A 42 -2.51 -17.19 26.40
CA TYR A 42 -2.68 -18.33 25.50
C TYR A 42 -1.69 -18.17 24.35
N SER A 43 -1.00 -19.25 24.01
CA SER A 43 -0.07 -19.26 22.89
C SER A 43 -0.57 -20.24 21.84
N ILE A 44 -0.74 -19.75 20.62
CA ILE A 44 -1.22 -20.56 19.51
C ILE A 44 -0.33 -20.31 18.30
N THR A 45 -0.02 -21.37 17.57
CA THR A 45 0.74 -21.31 16.34
C THR A 45 -0.17 -21.67 15.17
N LEU A 46 -0.15 -20.86 14.10
CA LEU A 46 -0.98 -21.10 12.95
C LEU A 46 -0.13 -21.16 11.68
N SER A 47 -0.70 -21.74 10.63
CA SER A 47 -0.05 -21.85 9.32
C SER A 47 -1.00 -21.33 8.25
N ARG A 48 -0.50 -21.32 7.02
CA ARG A 48 -1.32 -20.87 5.89
C ARG A 48 -2.64 -21.61 5.84
N TRP A 49 -3.70 -20.88 5.49
CA TRP A 49 -5.07 -21.36 5.33
C TRP A 49 -5.75 -21.71 6.66
N ASP A 50 -5.07 -21.62 7.79
CA ASP A 50 -5.74 -21.83 9.06
C ASP A 50 -6.72 -20.68 9.32
N LYS A 51 -7.71 -20.97 10.16
CA LYS A 51 -8.68 -19.99 10.63
C LYS A 51 -8.56 -19.86 12.15
N LEU A 52 -8.65 -18.63 12.62
CA LEU A 52 -8.68 -18.33 14.05
C LEU A 52 -10.04 -17.71 14.36
N ILE A 53 -10.86 -18.41 15.15
CA ILE A 53 -12.19 -17.95 15.52
C ILE A 53 -12.21 -17.65 17.01
N ILE A 54 -12.44 -16.38 17.35
CA ILE A 54 -12.47 -15.92 18.74
C ILE A 54 -13.86 -15.35 19.03
N LYS A 55 -14.58 -15.98 19.96
CA LYS A 55 -15.83 -15.44 20.47
C LYS A 55 -15.55 -14.63 21.72
N TYR A 56 -15.96 -13.36 21.71
CA TYR A 56 -15.67 -12.46 22.81
C TYR A 56 -16.89 -11.60 23.09
N PRO A 57 -16.96 -10.87 24.23
CA PRO A 57 -18.19 -10.14 24.56
C PRO A 57 -18.21 -8.68 24.08
N THR A 58 -19.33 -7.99 24.32
CA THR A 58 -19.48 -6.56 24.04
C THR A 58 -20.01 -5.86 25.28
N ASN A 59 -20.11 -4.52 25.19
CA ASN A 59 -20.61 -3.72 26.29
C ASN A 59 -22.06 -4.03 26.64
N GLU A 60 -22.79 -4.68 25.73
CA GLU A 60 -24.20 -4.94 25.95
C GLU A 60 -24.46 -6.20 26.77
N LYS A 61 -23.44 -7.00 27.06
CA LYS A 61 -23.61 -8.22 27.84
C LYS A 61 -23.43 -7.92 29.33
N THR A 62 -24.38 -8.39 30.14
CA THR A 62 -24.29 -8.21 31.58
C THR A 62 -22.99 -8.81 32.11
N HIS A 63 -22.34 -8.07 33.02
CA HIS A 63 -21.05 -8.35 33.64
C HIS A 63 -19.89 -8.00 32.72
N PHE A 64 -20.15 -7.36 31.57
CA PHE A 64 -19.10 -6.93 30.66
C PHE A 64 -19.33 -5.48 30.22
N GLU A 65 -19.96 -4.68 31.08
CA GLU A 65 -20.41 -3.34 30.67
C GLU A 65 -19.24 -2.43 30.31
N ASN A 66 -18.06 -2.67 30.87
CA ASN A 66 -16.89 -1.84 30.60
C ASN A 66 -15.78 -2.63 29.89
N PHE A 67 -16.12 -3.78 29.31
CA PHE A 67 -15.16 -4.58 28.57
C PHE A 67 -14.66 -3.83 27.34
N PHE A 68 -13.40 -4.07 26.97
CA PHE A 68 -12.90 -3.54 25.70
C PHE A 68 -11.82 -4.45 25.14
N VAL A 69 -11.62 -4.35 23.83
CA VAL A 69 -10.59 -5.08 23.11
C VAL A 69 -9.41 -4.13 22.88
N ASN A 70 -8.22 -4.70 22.83
CA ASN A 70 -7.01 -3.96 22.43
C ASN A 70 -6.33 -4.80 21.34
N PRO A 71 -6.24 -4.30 20.10
CA PRO A 71 -6.67 -2.97 19.64
C PRO A 71 -8.17 -2.82 19.54
N PHE A 72 -8.68 -1.59 19.55
CA PHE A 72 -10.11 -1.39 19.50
C PHE A 72 -10.69 -1.79 18.16
N ASN A 73 -10.00 -1.47 17.07
CA ASN A 73 -10.42 -1.88 15.73
C ASN A 73 -9.89 -3.30 15.50
N LEU A 74 -10.54 -4.26 16.15
CA LEU A 74 -10.08 -5.64 16.10
C LEU A 74 -10.18 -6.23 14.71
N LYS A 75 -11.17 -5.81 13.92
CA LYS A 75 -11.33 -6.38 12.58
C LYS A 75 -10.11 -6.09 11.71
N ASP A 76 -9.51 -4.91 11.83
CA ASP A 76 -8.44 -4.51 10.95
C ASP A 76 -7.05 -4.63 11.56
N LYS A 77 -6.92 -4.59 12.89
CA LYS A 77 -5.64 -4.41 13.54
C LYS A 77 -5.33 -5.54 14.51
N VAL A 78 -4.02 -5.78 14.71
CA VAL A 78 -3.47 -6.63 15.75
C VAL A 78 -2.39 -5.84 16.49
N LEU A 79 -1.82 -6.45 17.52
CA LEU A 79 -0.71 -5.85 18.27
C LEU A 79 0.58 -6.49 17.76
N TYR A 80 1.26 -5.79 16.84
CA TYR A 80 2.49 -6.31 16.26
C TYR A 80 3.58 -6.42 17.32
N ASN A 81 4.19 -7.61 17.39
CA ASN A 81 5.26 -7.94 18.33
C ASN A 81 4.81 -7.76 19.78
N TYR A 82 3.52 -7.99 20.03
CA TYR A 82 2.86 -7.78 21.32
C TYR A 82 2.91 -6.32 21.76
N ASN A 83 3.17 -5.41 20.82
CA ASN A 83 3.49 -4.04 21.17
C ASN A 83 2.58 -3.06 20.42
N LYS A 84 2.86 -2.78 19.13
CA LYS A 84 2.08 -1.61 18.67
C LYS A 84 0.94 -2.00 17.74
N PRO A 85 -0.22 -1.32 17.82
CA PRO A 85 -1.41 -1.72 17.04
C PRO A 85 -1.28 -1.36 15.56
N ILE A 86 -1.24 -2.39 14.71
CA ILE A 86 -0.97 -2.25 13.28
C ILE A 86 -2.05 -2.99 12.49
N ASN A 87 -2.38 -2.47 11.30
CA ASN A 87 -3.23 -3.21 10.36
C ASN A 87 -2.60 -4.55 10.04
N ILE A 88 -3.37 -5.64 10.18
CA ILE A 88 -2.80 -6.95 9.92
C ILE A 88 -2.47 -7.14 8.44
N GLU A 89 -3.09 -6.34 7.56
CA GLU A 89 -2.77 -6.43 6.14
C GLU A 89 -1.32 -6.07 5.86
N HIS A 90 -0.71 -5.24 6.71
CA HIS A 90 0.66 -4.80 6.47
C HIS A 90 1.67 -5.91 6.78
N ILE A 91 1.39 -6.75 7.77
CA ILE A 91 2.34 -7.78 8.17
C ILE A 91 1.94 -9.17 7.67
N LEU A 92 0.66 -9.39 7.37
CA LEU A 92 0.20 -10.66 6.80
C LEU A 92 -0.53 -10.37 5.50
N PRO A 93 0.20 -10.11 4.42
CA PRO A 93 -0.44 -9.71 3.16
C PRO A 93 -1.44 -10.75 2.68
N GLY A 94 -2.69 -10.33 2.54
CA GLY A 94 -3.76 -11.19 2.08
C GLY A 94 -4.61 -11.81 3.17
N ALA A 95 -4.47 -11.36 4.42
CA ALA A 95 -5.29 -11.88 5.50
C ALA A 95 -6.75 -11.49 5.26
N ILE A 96 -7.67 -12.29 5.79
CA ILE A 96 -9.09 -12.00 5.64
C ILE A 96 -9.74 -12.05 7.02
N THR A 97 -10.27 -10.93 7.48
CA THR A 97 -10.91 -10.88 8.80
C THR A 97 -12.38 -10.52 8.66
N THR A 98 -13.19 -11.15 9.50
CA THR A 98 -14.58 -10.78 9.68
C THR A 98 -14.86 -10.65 11.18
N ASP A 99 -15.80 -9.78 11.53
CA ASP A 99 -16.08 -9.45 12.93
C ASP A 99 -17.59 -9.21 13.04
N ILE A 100 -18.33 -10.27 13.38
CA ILE A 100 -19.78 -10.28 13.25
C ILE A 100 -20.42 -10.33 14.64
N TYR A 101 -21.44 -9.50 14.84
CA TYR A 101 -22.14 -9.38 16.11
C TYR A 101 -23.38 -10.26 16.12
N ASP A 102 -23.67 -10.85 17.28
CA ASP A 102 -24.86 -11.67 17.51
C ASP A 102 -25.73 -10.93 18.53
N THR A 103 -26.79 -10.30 18.04
CA THR A 103 -27.62 -9.45 18.90
C THR A 103 -28.43 -10.25 19.92
N ARG A 104 -28.46 -11.58 19.82
CA ARG A 104 -29.20 -12.38 20.79
C ARG A 104 -28.37 -12.64 22.05
N THR A 105 -27.16 -13.15 21.87
CA THR A 105 -26.28 -13.50 22.97
C THR A 105 -25.34 -12.36 23.36
N LYS A 106 -25.35 -11.25 22.63
CA LYS A 106 -24.49 -10.09 22.88
C LYS A 106 -23.01 -10.43 22.68
N ILE A 107 -22.71 -11.50 21.95
CA ILE A 107 -21.35 -11.94 21.69
C ILE A 107 -20.93 -11.49 20.30
N LYS A 108 -19.63 -11.34 20.09
CA LYS A 108 -19.07 -11.12 18.78
C LYS A 108 -18.15 -12.29 18.41
N GLN A 109 -18.06 -12.55 17.12
CA GLN A 109 -17.20 -13.59 16.57
C GLN A 109 -16.22 -12.94 15.62
N TYR A 110 -14.94 -13.11 15.89
CA TYR A 110 -13.85 -12.64 15.04
C TYR A 110 -13.24 -13.85 14.35
N ILE A 111 -13.18 -13.81 13.01
CA ILE A 111 -12.60 -14.89 12.22
C ILE A 111 -11.45 -14.31 11.40
N LEU A 112 -10.27 -14.88 11.57
CA LEU A 112 -9.08 -14.51 10.81
C LEU A 112 -8.65 -15.69 9.94
N ARG A 113 -8.64 -15.48 8.63
CA ARG A 113 -8.14 -16.45 7.68
C ARG A 113 -6.71 -16.06 7.30
N ILE A 114 -5.77 -16.95 7.61
CA ILE A 114 -4.37 -16.85 7.17
C ILE A 114 -4.32 -17.13 5.67
N PRO A 115 -3.59 -16.33 4.89
CA PRO A 115 -3.60 -16.51 3.41
C PRO A 115 -3.01 -17.85 3.01
N PRO A 116 -3.20 -18.27 1.76
CA PRO A 116 -2.65 -19.57 1.33
C PRO A 116 -1.13 -19.62 1.29
N TYR A 117 -0.45 -18.49 1.45
CA TYR A 117 1.00 -18.47 1.53
C TYR A 117 1.43 -17.34 2.45
N VAL A 118 2.40 -17.62 3.32
CA VAL A 118 2.95 -16.64 4.24
C VAL A 118 4.42 -16.49 3.92
N HIS A 119 4.85 -15.27 3.65
CA HIS A 119 6.22 -15.05 3.22
C HIS A 119 7.17 -14.86 4.39
N LYS A 120 6.71 -14.18 5.44
CA LYS A 120 7.53 -13.85 6.60
C LYS A 120 6.87 -14.36 7.86
N ASP A 121 7.65 -15.10 8.64
CA ASP A 121 7.28 -15.46 9.99
C ASP A 121 6.88 -14.23 10.79
N ILE A 122 5.73 -14.27 11.47
CA ILE A 122 5.26 -13.10 12.22
C ILE A 122 4.69 -13.51 13.57
N HIS A 123 4.76 -12.57 14.53
CA HIS A 123 4.17 -12.74 15.85
C HIS A 123 3.32 -11.52 16.19
N PHE A 124 2.15 -11.75 16.78
CA PHE A 124 1.33 -10.63 17.24
C PHE A 124 0.47 -11.12 18.41
N SER A 125 -0.26 -10.19 19.02
CA SER A 125 -1.08 -10.53 20.18
C SER A 125 -2.40 -9.77 20.12
N LEU A 126 -3.34 -10.22 20.95
CA LEU A 126 -4.65 -9.59 21.09
C LEU A 126 -5.05 -9.62 22.56
N GLU A 127 -5.58 -8.50 23.07
CA GLU A 127 -5.91 -8.40 24.48
C GLU A 127 -7.41 -8.18 24.64
N PHE A 128 -8.03 -9.01 25.49
CA PHE A 128 -9.45 -8.90 25.81
C PHE A 128 -9.53 -8.50 27.29
N ASN A 129 -9.82 -7.22 27.53
CA ASN A 129 -9.59 -6.60 28.83
C ASN A 129 -10.94 -6.24 29.45
N ASN A 130 -11.30 -6.96 30.52
CA ASN A 130 -12.52 -6.71 31.28
C ASN A 130 -12.22 -6.21 32.68
N SER A 131 -11.03 -5.66 32.92
CA SER A 131 -10.63 -5.22 34.24
C SER A 131 -11.47 -4.08 34.79
N LEU A 132 -12.13 -3.31 33.90
CA LEU A 132 -12.96 -2.18 34.33
C LEU A 132 -14.41 -2.57 34.65
N SER A 133 -14.89 -3.72 34.17
CA SER A 133 -16.25 -4.15 34.51
C SER A 133 -16.31 -4.67 35.94
N LEU A 134 -17.50 -4.59 36.54
CA LEU A 134 -17.66 -4.95 37.93
C LEU A 134 -19.07 -5.45 38.19
N THR A 135 -19.18 -6.40 39.12
CA THR A 135 -20.45 -6.91 39.59
C THR A 135 -20.49 -6.83 41.11
N LYS A 136 -21.65 -6.49 41.65
CA LYS A 136 -21.85 -6.36 43.08
C LYS A 136 -22.43 -7.66 43.64
N GLN A 137 -21.70 -8.30 44.56
CA GLN A 137 -22.15 -9.49 45.26
C GLN A 137 -22.16 -9.20 46.75
N ASN A 138 -23.36 -9.08 47.33
CA ASN A 138 -23.57 -8.73 48.74
C ASN A 138 -22.96 -7.35 48.96
N GLN A 139 -21.93 -7.20 49.79
CA GLN A 139 -21.26 -5.92 50.00
C GLN A 139 -19.92 -5.84 49.29
N ASN A 140 -19.60 -6.84 48.47
CA ASN A 140 -18.32 -6.90 47.77
C ASN A 140 -18.49 -6.48 46.31
N ILE A 141 -17.48 -5.84 45.76
CA ILE A 141 -17.45 -5.41 44.37
C ILE A 141 -16.35 -6.18 43.68
N ILE A 142 -16.73 -7.05 42.73
CA ILE A 142 -15.80 -7.95 42.05
C ILE A 142 -15.54 -7.39 40.66
N TYR A 143 -14.27 -7.32 40.28
CA TYR A 143 -13.88 -6.78 38.98
C TYR A 143 -13.54 -7.91 38.03
N GLY A 144 -13.70 -7.62 36.73
CA GLY A 144 -13.37 -8.57 35.70
C GLY A 144 -11.87 -8.66 35.48
N ASN A 145 -11.49 -9.54 34.56
CA ASN A 145 -10.09 -9.89 34.36
C ASN A 145 -9.68 -9.68 32.89
N VAL A 146 -8.47 -10.12 32.57
CA VAL A 146 -7.84 -9.82 31.28
C VAL A 146 -7.33 -11.13 30.68
N ALA A 147 -7.43 -11.27 29.36
CA ALA A 147 -6.86 -12.43 28.67
C ALA A 147 -6.08 -11.96 27.45
N LYS A 148 -4.88 -12.50 27.28
CA LYS A 148 -4.04 -12.15 26.14
C LYS A 148 -3.77 -13.40 25.31
N ILE A 149 -3.86 -13.25 23.99
CA ILE A 149 -3.55 -14.31 23.05
C ILE A 149 -2.32 -13.92 22.27
N PHE A 150 -1.31 -14.78 22.28
CA PHE A 150 -0.06 -14.59 21.55
C PHE A 150 -0.07 -15.56 20.36
N ILE A 151 -0.11 -15.01 19.15
CA ILE A 151 -0.26 -15.78 17.93
C ILE A 151 1.03 -15.73 17.13
N HIS A 152 1.42 -16.88 16.58
CA HIS A 152 2.61 -17.03 15.78
C HIS A 152 2.24 -17.67 14.45
N ILE A 153 2.74 -17.09 13.35
CA ILE A 153 2.46 -17.56 11.99
C ILE A 153 3.78 -17.95 11.34
N ASN A 154 3.85 -19.20 10.86
CA ASN A 154 4.98 -19.79 10.17
C ASN A 154 5.03 -19.37 8.70
N GLN A 155 6.13 -19.74 8.03
CA GLN A 155 6.24 -19.55 6.59
C GLN A 155 5.26 -20.46 5.84
N GLY A 156 4.81 -19.99 4.67
CA GLY A 156 3.66 -20.51 3.95
C GLY A 156 3.91 -21.59 2.94
N TYR A 157 5.14 -22.11 2.84
CA TYR A 157 5.48 -23.29 2.02
C TYR A 157 5.46 -23.02 0.51
N LYS A 158 4.34 -22.64 -0.09
CA LYS A 158 4.26 -22.51 -1.55
C LYS A 158 3.44 -21.31 -1.98
N GLU A 159 3.88 -20.66 -3.07
CA GLU A 159 3.16 -19.53 -3.65
C GLU A 159 1.88 -20.00 -4.36
N ILE A 160 0.93 -19.08 -4.46
CA ILE A 160 -0.36 -19.37 -5.09
C ILE A 160 -0.19 -19.31 -6.61
N HIS A 161 -0.58 -20.39 -7.29
N HIS A 161 -0.60 -20.38 -7.29
CA HIS A 161 -0.62 -20.41 -8.75
CA HIS A 161 -0.61 -20.40 -8.76
C HIS A 161 -1.84 -19.61 -9.19
C HIS A 161 -1.84 -19.61 -9.21
N GLY A 162 -1.66 -18.29 -9.25
CA GLY A 162 -2.77 -17.40 -9.52
C GLY A 162 -2.34 -16.07 -10.09
N CYS A 163 -3.19 -15.06 -10.02
CA CYS A 163 -3.04 -13.86 -10.84
C CYS A 163 -3.26 -12.62 -9.98
N ASP A 164 -2.18 -11.90 -9.70
CA ASP A 164 -2.25 -10.62 -9.00
C ASP A 164 -2.32 -9.51 -10.03
N PHE A 165 -3.50 -8.95 -10.24
CA PHE A 165 -3.69 -7.86 -11.18
C PHE A 165 -3.45 -6.48 -10.57
N THR A 166 -2.95 -6.42 -9.34
CA THR A 166 -2.67 -5.13 -8.70
C THR A 166 -1.20 -4.75 -8.74
N GLY A 167 -0.31 -5.74 -8.79
CA GLY A 167 1.11 -5.50 -8.64
C GLY A 167 1.58 -5.35 -7.20
N LYS A 168 0.67 -5.43 -6.23
CA LYS A 168 0.99 -5.21 -4.83
C LYS A 168 1.13 -6.51 -4.05
N TYR A 169 0.93 -7.66 -4.69
CA TYR A 169 1.07 -8.96 -4.02
C TYR A 169 2.03 -9.86 -4.78
N SER A 170 3.19 -9.27 -5.14
CA SER A 170 4.15 -9.98 -6.00
C SER A 170 4.68 -11.25 -5.36
N HIS A 171 4.76 -11.31 -4.03
CA HIS A 171 5.29 -12.49 -3.37
C HIS A 171 4.23 -13.51 -3.04
N LEU A 172 2.96 -13.21 -3.30
CA LEU A 172 1.89 -14.12 -2.97
C LEU A 172 1.40 -14.94 -4.17
N PHE A 173 1.64 -14.48 -5.39
CA PHE A 173 1.10 -15.10 -6.60
C PHE A 173 2.20 -15.38 -7.61
N THR A 174 2.01 -16.42 -8.42
CA THR A 174 2.97 -16.73 -9.48
C THR A 174 2.95 -15.71 -10.61
N TYR A 175 1.84 -14.98 -10.77
CA TYR A 175 1.73 -13.90 -11.74
C TYR A 175 1.33 -12.62 -11.03
N SER A 176 2.11 -11.56 -11.26
CA SER A 176 1.85 -10.28 -10.61
C SER A 176 2.31 -9.18 -11.57
N LYS A 177 1.43 -8.21 -11.84
CA LYS A 177 1.75 -7.15 -12.79
C LYS A 177 1.00 -5.88 -12.42
N LYS A 178 1.70 -4.75 -12.48
CA LYS A 178 1.07 -3.46 -12.23
C LYS A 178 0.06 -3.15 -13.34
N PRO A 179 -1.12 -2.64 -13.01
CA PRO A 179 -2.16 -2.43 -14.03
C PRO A 179 -2.05 -1.10 -14.77
N LEU A 180 -1.89 -1.15 -16.09
CA LEU A 180 -1.86 0.04 -16.92
C LEU A 180 -3.18 0.23 -17.65
N PRO A 181 -3.50 1.45 -18.07
CA PRO A 181 -4.70 1.66 -18.88
C PRO A 181 -4.59 0.91 -20.20
N ASN A 182 -5.76 0.53 -20.73
CA ASN A 182 -5.90 -0.24 -21.97
C ASN A 182 -5.35 -1.66 -21.86
N ASP A 183 -5.28 -2.23 -20.67
CA ASP A 183 -4.90 -3.62 -20.52
C ASP A 183 -6.06 -4.53 -20.87
N ASP A 184 -5.73 -5.70 -21.42
CA ASP A 184 -6.73 -6.70 -21.76
C ASP A 184 -6.03 -8.06 -21.66
N ASP A 185 -5.68 -8.42 -20.44
CA ASP A 185 -4.84 -9.57 -20.16
C ASP A 185 -5.69 -10.76 -19.75
N ILE A 186 -5.28 -11.95 -20.18
CA ILE A 186 -5.91 -13.21 -19.79
C ILE A 186 -4.84 -14.05 -19.12
N CYS A 187 -5.10 -14.45 -17.87
CA CYS A 187 -4.14 -15.18 -17.04
C CYS A 187 -4.66 -16.60 -16.85
N ASN A 188 -3.94 -17.58 -17.42
CA ASN A 188 -4.35 -18.98 -17.42
C ASN A 188 -3.65 -19.74 -16.29
N VAL A 189 -4.39 -20.65 -15.67
CA VAL A 189 -3.89 -21.42 -14.54
C VAL A 189 -4.46 -22.82 -14.62
N THR A 190 -3.59 -23.82 -14.51
CA THR A 190 -4.00 -25.22 -14.39
C THR A 190 -3.55 -25.72 -13.02
N ILE A 191 -4.47 -26.32 -12.28
CA ILE A 191 -4.19 -26.81 -10.94
C ILE A 191 -4.78 -28.20 -10.78
N GLY A 192 -4.14 -29.01 -9.94
CA GLY A 192 -4.67 -30.28 -9.52
C GLY A 192 -5.29 -30.21 -8.14
N ASN A 193 -5.33 -31.36 -7.48
CA ASN A 193 -5.85 -31.39 -6.12
C ASN A 193 -4.87 -30.75 -5.15
N ASN A 194 -5.42 -30.04 -4.17
CA ASN A 194 -4.66 -29.44 -3.08
C ASN A 194 -3.60 -28.47 -3.59
N THR A 195 -3.97 -27.67 -4.58
CA THR A 195 -3.15 -26.56 -5.05
C THR A 195 -4.01 -25.31 -5.04
N PHE A 196 -3.49 -24.24 -4.45
CA PHE A 196 -4.24 -23.01 -4.35
C PHE A 196 -4.18 -22.25 -5.66
N SER A 197 -5.32 -21.65 -6.04
CA SER A 197 -5.34 -20.58 -7.02
C SER A 197 -6.06 -19.38 -6.39
N GLY A 198 -6.14 -18.30 -7.15
CA GLY A 198 -6.79 -17.10 -6.66
C GLY A 198 -6.31 -15.88 -7.42
N PHE A 199 -6.77 -14.72 -6.96
CA PHE A 199 -6.48 -13.46 -7.65
C PHE A 199 -6.66 -12.29 -6.70
N ALA A 200 -6.15 -11.14 -7.15
CA ALA A 200 -6.30 -9.86 -6.48
C ALA A 200 -6.54 -8.77 -7.51
N CYS A 201 -7.44 -7.84 -7.20
CA CYS A 201 -7.80 -6.72 -8.06
C CYS A 201 -7.96 -5.45 -7.24
N LEU A 202 -8.03 -4.32 -7.93
CA LEU A 202 -8.42 -3.08 -7.28
C LEU A 202 -9.87 -3.17 -6.83
N SER A 203 -10.14 -2.71 -5.60
CA SER A 203 -11.48 -2.88 -5.04
C SER A 203 -12.54 -2.08 -5.81
N HIS A 204 -12.14 -1.02 -6.50
CA HIS A 204 -13.13 -0.25 -7.27
C HIS A 204 -13.38 -0.86 -8.64
N PHE A 205 -12.54 -1.77 -9.10
CA PHE A 205 -12.86 -2.51 -10.31
C PHE A 205 -14.08 -3.38 -10.07
N GLU A 206 -14.72 -3.78 -11.17
CA GLU A 206 -15.93 -4.58 -11.13
C GLU A 206 -15.54 -6.05 -11.24
N LEU A 207 -15.89 -6.82 -10.22
CA LEU A 207 -15.61 -8.24 -10.20
C LEU A 207 -16.84 -8.99 -10.71
N LYS A 208 -16.67 -9.78 -11.76
CA LYS A 208 -17.78 -10.50 -12.35
C LYS A 208 -17.40 -11.97 -12.52
N PRO A 209 -18.34 -12.90 -12.29
CA PRO A 209 -19.66 -12.66 -11.67
C PRO A 209 -19.54 -12.33 -10.19
N ASN A 210 -20.66 -12.10 -9.52
CA ASN A 210 -20.65 -11.55 -8.17
C ASN A 210 -19.96 -12.48 -7.20
N ASN A 211 -18.93 -11.95 -6.52
CA ASN A 211 -18.27 -12.62 -5.41
C ASN A 211 -17.48 -13.86 -5.87
N CYS A 212 -16.90 -13.78 -7.08
CA CYS A 212 -15.99 -14.83 -7.54
CA CYS A 212 -15.97 -14.83 -7.54
C CYS A 212 -15.03 -15.22 -6.42
N PHE A 213 -14.87 -16.53 -6.20
CA PHE A 213 -15.38 -17.63 -7.01
C PHE A 213 -16.76 -18.17 -6.63
N SER A 214 -17.51 -17.47 -5.78
CA SER A 214 -18.83 -17.96 -5.39
C SER A 214 -19.73 -18.20 -6.59
N SER A 215 -19.59 -17.37 -7.63
CA SER A 215 -20.13 -17.65 -8.94
C SER A 215 -19.02 -17.46 -9.97
N VAL A 216 -19.05 -18.27 -11.03
CA VAL A 216 -18.03 -18.25 -12.07
C VAL A 216 -18.68 -18.40 -13.43
N TYR A 217 -17.92 -18.00 -14.47
CA TYR A 217 -18.28 -18.28 -15.85
C TYR A 217 -17.80 -19.69 -16.20
N ASP A 218 -18.73 -20.60 -16.43
CA ASP A 218 -18.41 -21.99 -16.75
C ASP A 218 -17.99 -22.11 -18.21
N TYR A 219 -16.69 -22.30 -18.43
CA TYR A 219 -16.17 -22.36 -19.80
C TYR A 219 -16.80 -23.51 -20.58
N ASN A 220 -17.15 -24.60 -19.92
CA ASN A 220 -17.67 -25.75 -20.66
C ASN A 220 -19.09 -25.52 -21.13
N GLU A 221 -19.85 -24.65 -20.46
CA GLU A 221 -21.22 -24.37 -20.90
C GLU A 221 -21.36 -22.94 -21.41
N ALA A 222 -20.49 -22.54 -22.34
CA ALA A 222 -20.58 -21.24 -23.02
C ALA A 222 -20.53 -20.09 -22.03
N ASN A 223 -19.63 -20.19 -21.06
CA ASN A 223 -19.37 -19.11 -20.08
C ASN A 223 -20.65 -18.65 -19.38
N LYS A 224 -21.59 -19.57 -19.21
CA LYS A 224 -22.79 -19.28 -18.42
C LYS A 224 -22.40 -19.08 -16.96
N VAL A 225 -23.08 -18.15 -16.30
CA VAL A 225 -22.82 -17.87 -14.89
C VAL A 225 -23.43 -18.96 -14.02
N LYS A 226 -22.62 -19.57 -13.15
CA LYS A 226 -23.07 -20.64 -12.27
C LYS A 226 -22.46 -20.46 -10.88
N LYS A 227 -23.20 -20.86 -9.86
CA LYS A 227 -22.63 -20.97 -8.52
C LYS A 227 -21.56 -22.06 -8.52
N LEU A 228 -20.45 -21.79 -7.82
CA LEU A 228 -19.38 -22.78 -7.77
C LEU A 228 -19.84 -24.07 -7.12
N PHE A 229 -20.69 -23.98 -6.10
CA PHE A 229 -21.15 -25.18 -5.42
C PHE A 229 -22.13 -25.98 -6.27
N ASP A 230 -22.71 -25.39 -7.30
CA ASP A 230 -23.43 -26.17 -8.30
C ASP A 230 -22.50 -26.87 -9.28
N LEU A 231 -21.19 -26.71 -9.11
CA LEU A 231 -20.21 -27.48 -9.86
C LEU A 231 -19.37 -28.40 -9.00
N SER A 232 -19.09 -28.03 -7.75
CA SER A 232 -18.26 -28.87 -6.88
C SER A 232 -18.56 -28.56 -5.43
N THR A 233 -18.75 -29.62 -4.63
CA THR A 233 -18.80 -29.51 -3.18
C THR A 233 -17.51 -29.95 -2.53
N LYS A 234 -16.49 -30.29 -3.32
CA LYS A 234 -15.16 -30.67 -2.84
C LYS A 234 -14.17 -29.52 -2.95
N VAL A 235 -14.60 -28.30 -2.63
CA VAL A 235 -13.78 -27.12 -2.85
C VAL A 235 -13.95 -26.18 -1.67
N GLU A 236 -12.86 -25.54 -1.28
CA GLU A 236 -12.87 -24.50 -0.26
C GLU A 236 -12.44 -23.18 -0.91
N LEU A 237 -13.05 -22.09 -0.44
CA LEU A 237 -12.74 -20.78 -1.01
C LEU A 237 -12.82 -19.72 0.07
N ASP A 238 -12.25 -18.57 -0.25
CA ASP A 238 -12.44 -17.40 0.61
C ASP A 238 -12.36 -16.15 -0.26
N HIS A 239 -12.83 -15.04 0.29
CA HIS A 239 -12.98 -13.83 -0.49
C HIS A 239 -13.03 -12.64 0.46
N ILE A 240 -12.45 -11.53 0.02
CA ILE A 240 -12.62 -10.23 0.67
C ILE A 240 -12.77 -9.17 -0.41
N LYS A 241 -13.84 -8.37 -0.28
CA LYS A 241 -14.21 -7.38 -1.27
C LYS A 241 -13.31 -6.14 -1.20
N GLN A 242 -12.93 -5.73 0.00
CA GLN A 242 -12.05 -4.58 0.16
C GLN A 242 -11.33 -4.67 1.51
N ASN A 243 -10.02 -4.90 1.47
CA ASN A 243 -9.22 -4.88 2.69
C ASN A 243 -8.81 -3.44 3.02
N THR A 244 -8.01 -3.26 4.07
CA THR A 244 -7.64 -1.92 4.51
C THR A 244 -6.76 -1.20 3.51
N SER A 245 -6.05 -1.93 2.64
CA SER A 245 -5.24 -1.32 1.59
C SER A 245 -6.04 -1.06 0.32
N GLY A 246 -7.34 -1.37 0.31
CA GLY A 246 -8.18 -1.09 -0.84
C GLY A 246 -8.14 -2.10 -1.96
N TYR A 247 -7.96 -3.38 -1.65
CA TYR A 247 -7.86 -4.41 -2.67
C TYR A 247 -8.87 -5.52 -2.42
N THR A 248 -9.18 -6.23 -3.49
CA THR A 248 -10.10 -7.36 -3.49
C THR A 248 -9.29 -8.62 -3.73
N LEU A 249 -9.55 -9.67 -2.94
CA LEU A 249 -8.83 -10.92 -3.11
C LEU A 249 -9.79 -12.09 -3.01
N SER A 250 -9.46 -13.15 -3.74
CA SER A 250 -10.19 -14.41 -3.66
C SER A 250 -9.23 -15.57 -3.79
N TYR A 251 -9.51 -16.64 -3.04
CA TYR A 251 -8.69 -17.84 -3.03
C TYR A 251 -9.57 -19.07 -3.21
N ILE A 252 -9.00 -20.11 -3.81
CA ILE A 252 -9.74 -21.35 -4.10
C ILE A 252 -8.78 -22.52 -4.02
N ILE A 253 -9.30 -23.67 -3.55
CA ILE A 253 -8.54 -24.91 -3.52
C ILE A 253 -9.50 -26.09 -3.55
N PHE A 254 -9.16 -27.11 -4.33
CA PHE A 254 -9.92 -28.34 -4.40
C PHE A 254 -9.23 -29.43 -3.58
N ASN A 255 -10.02 -30.36 -3.04
CA ASN A 255 -9.45 -31.55 -2.45
C ASN A 255 -10.40 -32.72 -2.66
N LYS A 256 -9.86 -33.84 -3.17
CA LYS A 256 -10.63 -35.08 -3.39
C LYS A 256 -11.76 -34.88 -4.40
N GLU A 257 -11.58 -33.95 -5.34
CA GLU A 257 -12.54 -33.71 -6.41
C GLU A 257 -12.08 -34.44 -7.67
N SER A 258 -12.98 -35.22 -8.27
CA SER A 258 -12.66 -36.02 -9.43
C SER A 258 -13.19 -35.46 -10.74
N THR A 259 -14.25 -34.64 -10.71
CA THR A 259 -14.77 -34.03 -11.92
C THR A 259 -13.82 -32.93 -12.40
N LYS A 260 -13.54 -32.90 -13.69
CA LYS A 260 -12.70 -31.86 -14.26
C LYS A 260 -13.51 -30.58 -14.42
N LEU A 261 -12.86 -29.42 -14.25
CA LEU A 261 -13.54 -28.15 -14.32
C LEU A 261 -12.73 -27.13 -15.11
N LYS A 262 -13.44 -26.13 -15.64
CA LYS A 262 -12.84 -25.07 -16.45
C LYS A 262 -13.73 -23.85 -16.30
N PHE A 263 -13.23 -22.81 -15.62
CA PHE A 263 -14.06 -21.63 -15.33
C PHE A 263 -13.18 -20.39 -15.27
N SER A 264 -13.81 -19.24 -15.09
CA SER A 264 -13.08 -17.98 -15.19
C SER A 264 -13.83 -16.87 -14.47
N CYS A 265 -13.14 -15.74 -14.31
CA CYS A 265 -13.71 -14.54 -13.70
C CYS A 265 -12.99 -13.32 -14.25
N THR A 266 -13.60 -12.14 -14.04
CA THR A 266 -13.12 -10.91 -14.66
C THR A 266 -13.13 -9.76 -13.66
N CYS A 267 -12.09 -8.92 -13.74
CA CYS A 267 -12.04 -7.63 -13.07
C CYS A 267 -11.92 -6.57 -14.14
N SER A 268 -12.91 -5.69 -14.24
CA SER A 268 -12.91 -4.72 -15.31
C SER A 268 -13.13 -3.32 -14.76
N SER A 269 -12.35 -2.37 -15.25
CA SER A 269 -12.56 -0.96 -15.00
C SER A 269 -13.20 -0.32 -16.21
N ASN A 270 -13.19 1.02 -16.26
CA ASN A 270 -13.73 1.72 -17.42
C ASN A 270 -12.86 1.58 -18.66
N TYR A 271 -11.60 1.13 -18.50
CA TYR A 271 -10.67 1.07 -19.62
C TYR A 271 -9.83 -0.20 -19.68
N SER A 272 -9.98 -1.13 -18.75
CA SER A 272 -9.14 -2.32 -18.74
C SER A 272 -9.93 -3.53 -18.29
N ASN A 273 -9.55 -4.70 -18.79
CA ASN A 273 -10.14 -5.97 -18.42
C ASN A 273 -9.04 -6.92 -17.99
N TYR A 274 -9.32 -7.74 -16.97
CA TYR A 274 -8.39 -8.74 -16.48
C TYR A 274 -9.18 -10.00 -16.21
N THR A 275 -8.85 -11.08 -16.90
CA THR A 275 -9.56 -12.33 -16.77
C THR A 275 -8.63 -13.39 -16.19
N ILE A 276 -9.11 -14.11 -15.17
CA ILE A 276 -8.41 -15.30 -14.68
C ILE A 276 -9.20 -16.51 -15.15
N ARG A 277 -8.50 -17.46 -15.76
CA ARG A 277 -9.09 -18.67 -16.32
C ARG A 277 -8.43 -19.87 -15.66
N ILE A 278 -9.20 -20.60 -14.85
CA ILE A 278 -8.70 -21.75 -14.10
C ILE A 278 -9.16 -23.03 -14.76
N THR A 279 -8.22 -23.96 -14.95
CA THR A 279 -8.50 -25.32 -15.40
C THR A 279 -8.13 -26.25 -14.26
N PHE A 280 -9.12 -26.94 -13.70
CA PHE A 280 -8.89 -27.95 -12.67
C PHE A 280 -8.92 -29.33 -13.32
N ASP A 281 -7.74 -29.96 -13.37
CA ASP A 281 -7.59 -31.33 -13.86
C ASP A 281 -7.16 -32.21 -12.70
N PRO A 282 -7.99 -33.17 -12.24
CA PRO A 282 -7.59 -34.01 -11.11
C PRO A 282 -6.40 -34.92 -11.38
N ASN A 283 -5.86 -34.91 -12.61
CA ASN A 283 -4.69 -35.71 -12.95
C ASN A 283 -3.54 -34.84 -13.47
N TYR A 284 -3.57 -33.55 -13.17
CA TYR A 284 -2.49 -32.67 -13.60
C TYR A 284 -1.32 -32.78 -12.62
N ILE A 285 -0.11 -32.91 -13.17
CA ILE A 285 1.10 -33.12 -12.36
C ILE A 285 2.03 -31.92 -12.57
N ILE A 286 2.43 -31.30 -11.47
CA ILE A 286 3.31 -30.13 -11.53
C ILE A 286 4.75 -30.55 -11.73
N LYS B 4 -37.31 -5.16 -12.35
CA LYS B 4 -37.19 -4.76 -13.75
C LYS B 4 -36.04 -3.77 -13.93
N LYS B 5 -35.60 -3.18 -12.82
CA LYS B 5 -34.48 -2.27 -12.82
C LYS B 5 -33.26 -2.95 -12.20
N THR B 6 -32.08 -2.55 -12.67
CA THR B 6 -30.83 -3.20 -12.28
C THR B 6 -29.81 -2.14 -11.84
N ILE B 7 -28.54 -2.51 -11.87
CA ILE B 7 -27.43 -1.62 -11.53
C ILE B 7 -26.67 -1.29 -12.80
N GLY B 8 -26.56 -0.01 -13.11
CA GLY B 8 -25.83 0.46 -14.27
C GLY B 8 -24.51 1.12 -13.91
N LYS B 9 -23.80 1.52 -14.96
CA LYS B 9 -22.51 2.16 -14.82
C LYS B 9 -22.46 3.41 -15.70
N ASP B 10 -21.67 4.40 -15.26
CA ASP B 10 -21.48 5.63 -16.01
C ASP B 10 -20.15 6.22 -15.55
N ILE B 11 -19.66 7.22 -16.28
CA ILE B 11 -18.37 7.84 -16.02
C ILE B 11 -18.59 9.28 -15.59
N CYS B 12 -17.57 9.83 -14.95
CA CYS B 12 -17.46 11.26 -14.72
C CYS B 12 -16.43 11.80 -15.70
N LYS B 13 -16.85 12.77 -16.52
CA LYS B 13 -15.96 13.29 -17.54
C LYS B 13 -14.76 14.00 -16.91
N TYR B 14 -13.56 13.62 -17.33
CA TYR B 14 -12.34 14.23 -16.83
C TYR B 14 -11.75 15.12 -17.92
N ASP B 15 -11.62 16.42 -17.62
CA ASP B 15 -10.97 17.38 -18.47
C ASP B 15 -9.49 17.45 -18.09
N VAL B 16 -8.62 17.10 -19.06
CA VAL B 16 -7.19 16.99 -18.81
C VAL B 16 -6.52 18.36 -18.76
N THR B 17 -7.04 19.36 -19.48
CA THR B 17 -6.43 20.68 -19.46
C THR B 17 -6.67 21.38 -18.13
N THR B 18 -7.91 21.35 -17.63
CA THR B 18 -8.24 21.96 -16.35
C THR B 18 -8.05 21.02 -15.17
N LYS B 19 -7.76 19.74 -15.42
CA LYS B 19 -7.64 18.72 -14.38
C LYS B 19 -8.89 18.69 -13.51
N VAL B 20 -10.05 18.61 -14.17
CA VAL B 20 -11.32 18.72 -13.46
C VAL B 20 -12.22 17.57 -13.87
N ALA B 21 -12.72 16.83 -12.89
CA ALA B 21 -13.67 15.75 -13.14
C ALA B 21 -15.07 16.20 -12.74
N THR B 22 -16.05 15.85 -13.56
CA THR B 22 -17.43 16.25 -13.35
C THR B 22 -18.33 15.03 -13.48
N CYS B 23 -19.21 14.85 -12.50
CA CYS B 23 -20.18 13.77 -12.51
C CYS B 23 -21.58 14.34 -12.72
N GLU B 24 -22.30 13.80 -13.68
CA GLU B 24 -23.68 14.19 -13.99
C GLU B 24 -24.61 13.19 -13.32
N ILE B 25 -25.33 13.64 -12.29
CA ILE B 25 -26.17 12.72 -11.52
C ILE B 25 -27.60 13.22 -11.34
N ILE B 26 -27.90 14.50 -11.52
CA ILE B 26 -29.21 15.02 -11.18
C ILE B 26 -30.28 14.44 -12.10
N ASP B 27 -30.04 14.46 -13.40
CA ASP B 27 -31.01 13.91 -14.34
C ASP B 27 -31.10 12.39 -14.27
N THR B 28 -30.07 11.72 -13.75
CA THR B 28 -30.09 10.26 -13.66
C THR B 28 -30.97 9.78 -12.51
N ILE B 29 -31.10 10.57 -11.44
CA ILE B 29 -31.85 10.19 -10.26
C ILE B 29 -33.18 10.90 -10.15
N ASP B 30 -33.50 11.80 -11.10
CA ASP B 30 -34.77 12.52 -11.10
C ASP B 30 -35.95 11.54 -11.02
N SER B 31 -36.89 11.84 -10.12
CA SER B 31 -38.02 10.96 -9.85
C SER B 31 -39.08 10.99 -10.95
N SER B 32 -39.00 11.92 -11.89
CA SER B 32 -40.00 12.08 -12.93
C SER B 32 -39.63 11.38 -14.23
N VAL B 33 -38.37 11.00 -14.43
CA VAL B 33 -37.90 10.40 -15.67
C VAL B 33 -37.83 8.89 -15.50
N LEU B 34 -38.19 8.17 -16.56
CA LEU B 34 -38.14 6.71 -16.55
C LEU B 34 -36.70 6.25 -16.77
N LYS B 35 -36.28 5.26 -15.98
CA LYS B 35 -34.94 4.68 -16.11
C LYS B 35 -35.02 3.17 -15.92
N GLU B 36 -33.98 2.48 -16.38
CA GLU B 36 -33.89 1.03 -16.24
C GLU B 36 -32.95 0.61 -15.11
N HIS B 37 -32.31 1.56 -14.44
CA HIS B 37 -31.39 1.28 -13.34
C HIS B 37 -31.86 1.99 -12.08
N HIS B 38 -31.97 1.25 -10.98
CA HIS B 38 -32.29 1.85 -9.69
C HIS B 38 -31.05 2.42 -9.00
N THR B 39 -29.86 1.92 -9.35
CA THR B 39 -28.60 2.41 -8.83
C THR B 39 -27.61 2.46 -9.98
N VAL B 40 -26.93 3.60 -10.13
CA VAL B 40 -25.89 3.79 -11.15
C VAL B 40 -24.57 4.06 -10.45
N HIS B 41 -23.56 3.26 -10.76
CA HIS B 41 -22.21 3.38 -10.19
C HIS B 41 -21.31 4.19 -11.13
N TYR B 42 -20.71 5.26 -10.61
CA TYR B 42 -19.72 6.06 -11.30
C TYR B 42 -18.37 5.81 -10.65
N SER B 43 -17.38 5.36 -11.43
CA SER B 43 -16.05 5.10 -10.94
C SER B 43 -15.07 6.13 -11.52
N ILE B 44 -14.32 6.79 -10.65
CA ILE B 44 -13.41 7.85 -11.08
C ILE B 44 -12.10 7.75 -10.30
N THR B 45 -10.98 7.78 -11.03
CA THR B 45 -9.65 7.82 -10.46
C THR B 45 -9.12 9.24 -10.57
N LEU B 46 -8.56 9.75 -9.47
CA LEU B 46 -8.04 11.11 -9.40
C LEU B 46 -6.63 11.10 -8.81
N SER B 47 -5.86 12.13 -9.12
CA SER B 47 -4.51 12.28 -8.64
C SER B 47 -4.35 13.64 -7.96
N ARG B 48 -3.15 13.92 -7.46
CA ARG B 48 -2.92 15.15 -6.71
C ARG B 48 -3.28 16.36 -7.56
N TRP B 49 -3.86 17.36 -6.90
CA TRP B 49 -4.25 18.66 -7.44
C TRP B 49 -5.49 18.61 -8.34
N ASP B 50 -6.04 17.43 -8.63
CA ASP B 50 -7.27 17.35 -9.41
C ASP B 50 -8.44 17.96 -8.63
N LYS B 51 -9.55 18.18 -9.33
CA LYS B 51 -10.78 18.68 -8.73
C LYS B 51 -11.96 17.81 -9.16
N LEU B 52 -12.82 17.49 -8.20
CA LEU B 52 -14.03 16.74 -8.47
C LEU B 52 -15.21 17.65 -8.15
N ILE B 53 -15.99 17.98 -9.18
CA ILE B 53 -17.15 18.86 -9.05
C ILE B 53 -18.40 18.03 -9.29
N ILE B 54 -19.34 18.09 -8.35
CA ILE B 54 -20.58 17.33 -8.43
C ILE B 54 -21.73 18.26 -8.05
N LYS B 55 -22.70 18.41 -8.94
CA LYS B 55 -23.93 19.13 -8.63
C LYS B 55 -24.99 18.12 -8.23
N TYR B 56 -25.67 18.40 -7.13
CA TYR B 56 -26.71 17.51 -6.63
C TYR B 56 -27.87 18.35 -6.13
N PRO B 57 -29.07 17.75 -5.99
CA PRO B 57 -30.25 18.53 -5.60
C PRO B 57 -30.44 18.64 -4.10
N THR B 58 -31.49 19.35 -3.68
CA THR B 58 -31.93 19.40 -2.30
C THR B 58 -33.35 18.86 -2.22
N ASN B 59 -33.86 18.71 -1.00
CA ASN B 59 -35.22 18.22 -0.84
C ASN B 59 -36.26 19.30 -1.15
N GLU B 60 -35.83 20.50 -1.52
CA GLU B 60 -36.73 21.56 -1.94
C GLU B 60 -36.88 21.68 -3.45
N LYS B 61 -35.97 21.09 -4.23
CA LYS B 61 -36.13 21.07 -5.67
C LYS B 61 -37.17 20.02 -6.04
N THR B 62 -38.21 20.42 -6.77
CA THR B 62 -39.29 19.50 -7.11
C THR B 62 -38.74 18.31 -7.87
N HIS B 63 -39.32 17.12 -7.58
CA HIS B 63 -38.90 15.80 -8.04
C HIS B 63 -37.74 15.27 -7.22
N PHE B 64 -37.34 15.95 -6.16
CA PHE B 64 -36.34 15.48 -5.22
C PHE B 64 -36.79 15.71 -3.79
N GLU B 65 -38.09 15.52 -3.53
CA GLU B 65 -38.64 15.89 -2.23
C GLU B 65 -38.04 15.05 -1.11
N ASN B 66 -37.87 13.74 -1.33
CA ASN B 66 -37.30 12.85 -0.33
C ASN B 66 -35.84 12.49 -0.64
N PHE B 67 -35.11 13.39 -1.29
CA PHE B 67 -33.71 13.16 -1.60
C PHE B 67 -32.84 13.38 -0.36
N PHE B 68 -31.76 12.61 -0.26
CA PHE B 68 -30.77 12.85 0.78
C PHE B 68 -29.41 12.36 0.30
N VAL B 69 -28.37 12.94 0.89
CA VAL B 69 -26.99 12.57 0.60
C VAL B 69 -26.48 11.70 1.74
N ASN B 70 -25.60 10.76 1.39
CA ASN B 70 -24.92 9.91 2.38
C ASN B 70 -23.44 9.96 2.07
N PRO B 71 -22.60 10.50 2.96
CA PRO B 71 -22.95 11.01 4.30
C PRO B 71 -23.70 12.33 4.27
N PHE B 72 -24.35 12.70 5.38
CA PHE B 72 -25.14 13.93 5.41
C PHE B 72 -24.27 15.16 5.20
N ASN B 73 -23.28 15.35 6.07
CA ASN B 73 -22.41 16.53 6.00
C ASN B 73 -21.36 16.29 4.92
N LEU B 74 -21.70 16.66 3.68
CA LEU B 74 -20.83 16.40 2.56
C LEU B 74 -19.60 17.31 2.55
N LYS B 75 -19.68 18.47 3.21
CA LYS B 75 -18.52 19.34 3.30
C LYS B 75 -17.39 18.69 4.11
N ASP B 76 -17.72 17.80 5.03
CA ASP B 76 -16.71 17.23 5.92
C ASP B 76 -16.43 15.75 5.68
N LYS B 77 -17.41 14.96 5.24
CA LYS B 77 -17.32 13.51 5.32
C LYS B 77 -17.43 12.84 3.94
N VAL B 78 -16.90 11.62 3.89
CA VAL B 78 -17.08 10.68 2.80
C VAL B 78 -17.42 9.33 3.42
N LEU B 79 -17.69 8.33 2.58
CA LEU B 79 -17.92 6.97 3.04
C LEU B 79 -16.64 6.18 2.82
N TYR B 80 -16.09 5.64 3.91
CA TYR B 80 -14.88 4.83 3.85
C TYR B 80 -15.30 3.36 3.75
N ASN B 81 -14.39 2.42 4.07
N ASN B 81 -14.38 2.44 4.10
CA ASN B 81 -14.72 1.01 3.95
CA ASN B 81 -14.66 1.01 4.08
C ASN B 81 -15.86 0.66 4.89
C ASN B 81 -15.90 0.70 4.90
N TYR B 82 -16.61 -0.38 4.51
CA TYR B 82 -17.86 -0.79 5.17
C TYR B 82 -18.93 0.30 5.07
N ASN B 83 -18.69 1.27 4.18
CA ASN B 83 -19.59 2.41 3.97
C ASN B 83 -19.91 3.13 5.28
N LYS B 84 -18.84 3.42 6.06
CA LYS B 84 -18.97 4.20 7.29
C LYS B 84 -18.58 5.64 7.03
N PRO B 85 -19.38 6.61 7.46
CA PRO B 85 -18.98 8.01 7.31
C PRO B 85 -17.72 8.31 8.09
N ILE B 86 -16.83 9.10 7.47
CA ILE B 86 -15.62 9.58 8.14
C ILE B 86 -15.26 10.94 7.53
N ASN B 87 -14.69 11.80 8.36
CA ASN B 87 -14.13 13.04 7.84
C ASN B 87 -13.05 12.72 6.82
N ILE B 88 -13.15 13.34 5.63
CA ILE B 88 -12.19 13.08 4.58
C ILE B 88 -10.79 13.51 4.98
N GLU B 89 -10.67 14.47 5.91
CA GLU B 89 -9.36 14.91 6.39
C GLU B 89 -8.57 13.77 7.06
N HIS B 90 -9.24 12.74 7.58
CA HIS B 90 -8.51 11.66 8.25
C HIS B 90 -7.83 10.75 7.23
N ILE B 91 -8.48 10.47 6.11
CA ILE B 91 -7.91 9.59 5.09
C ILE B 91 -7.22 10.35 3.96
N LEU B 92 -7.47 11.64 3.80
CA LEU B 92 -6.86 12.46 2.75
C LEU B 92 -6.43 13.77 3.39
N PRO B 93 -5.32 13.76 4.13
CA PRO B 93 -4.93 14.99 4.84
C PRO B 93 -4.61 16.09 3.83
N GLY B 94 -5.15 17.28 4.12
CA GLY B 94 -4.95 18.44 3.27
C GLY B 94 -6.04 18.69 2.24
N ALA B 95 -7.02 17.80 2.11
CA ALA B 95 -8.07 17.99 1.11
C ALA B 95 -8.84 19.27 1.39
N ILE B 96 -9.38 19.87 0.32
CA ILE B 96 -10.14 21.11 0.47
C ILE B 96 -11.50 20.93 -0.19
N THR B 97 -12.57 21.01 0.61
CA THR B 97 -13.92 20.83 0.10
C THR B 97 -14.75 22.10 0.29
N THR B 98 -15.52 22.43 -0.74
CA THR B 98 -16.54 23.47 -0.66
C THR B 98 -17.89 22.87 -1.03
N ASP B 99 -18.96 23.46 -0.50
CA ASP B 99 -20.32 22.94 -0.63
C ASP B 99 -21.26 24.14 -0.73
N ILE B 100 -21.35 24.73 -1.92
CA ILE B 100 -22.01 26.00 -2.13
C ILE B 100 -23.43 25.77 -2.62
N TYR B 101 -24.39 26.47 -2.00
CA TYR B 101 -25.81 26.33 -2.34
C TYR B 101 -26.24 27.44 -3.29
N ASP B 102 -26.98 27.09 -4.34
CA ASP B 102 -27.62 28.04 -5.24
C ASP B 102 -29.11 28.03 -4.96
N THR B 103 -29.63 29.16 -4.46
CA THR B 103 -31.00 29.29 -4.03
C THR B 103 -31.97 29.57 -5.18
N ARG B 104 -31.47 30.04 -6.32
CA ARG B 104 -32.33 30.20 -7.49
C ARG B 104 -32.63 28.85 -8.13
N THR B 105 -31.67 27.92 -8.11
CA THR B 105 -31.84 26.60 -8.69
C THR B 105 -32.11 25.51 -7.66
N LYS B 106 -31.97 25.82 -6.36
CA LYS B 106 -32.11 24.83 -5.29
C LYS B 106 -31.11 23.68 -5.47
N ILE B 107 -29.87 24.03 -5.84
CA ILE B 107 -28.87 23.02 -6.22
C ILE B 107 -27.57 23.29 -5.48
N LYS B 108 -26.95 22.24 -4.95
CA LYS B 108 -25.68 22.38 -4.25
C LYS B 108 -24.55 21.87 -5.14
N GLN B 109 -23.47 22.64 -5.20
CA GLN B 109 -22.26 22.27 -5.93
C GLN B 109 -21.17 21.92 -4.92
N TYR B 110 -20.66 20.70 -5.03
CA TYR B 110 -19.61 20.17 -4.16
C TYR B 110 -18.32 20.12 -4.94
N ILE B 111 -17.28 20.79 -4.43
CA ILE B 111 -15.98 20.84 -5.08
C ILE B 111 -14.95 20.25 -4.12
N LEU B 112 -14.33 19.15 -4.54
CA LEU B 112 -13.27 18.51 -3.77
C LEU B 112 -11.95 18.74 -4.48
N ARG B 113 -11.01 19.34 -3.78
CA ARG B 113 -9.66 19.58 -4.28
C ARG B 113 -8.73 18.60 -3.58
N ILE B 114 -8.13 17.72 -4.38
CA ILE B 114 -7.11 16.77 -3.92
C ILE B 114 -5.84 17.55 -3.60
N PRO B 115 -5.16 17.28 -2.48
CA PRO B 115 -4.01 18.10 -2.08
C PRO B 115 -2.82 17.91 -3.01
N PRO B 116 -1.81 18.78 -2.91
CA PRO B 116 -0.65 18.68 -3.82
C PRO B 116 0.19 17.42 -3.65
N TYR B 117 -0.01 16.65 -2.59
CA TYR B 117 0.71 15.40 -2.39
C TYR B 117 -0.20 14.42 -1.66
N VAL B 118 -0.20 13.17 -2.11
CA VAL B 118 -1.00 12.10 -1.52
C VAL B 118 -0.05 10.99 -1.09
N HIS B 119 -0.11 10.61 0.18
CA HIS B 119 0.88 9.67 0.69
C HIS B 119 0.46 8.22 0.45
N LYS B 120 -0.83 7.92 0.61
CA LYS B 120 -1.36 6.57 0.45
C LYS B 120 -2.51 6.57 -0.55
N ASP B 121 -2.51 5.59 -1.46
CA ASP B 121 -3.69 5.31 -2.25
C ASP B 121 -4.90 5.16 -1.34
N ILE B 122 -6.04 5.73 -1.73
CA ILE B 122 -7.25 5.62 -0.92
C ILE B 122 -8.49 5.45 -1.81
N HIS B 123 -9.51 4.81 -1.23
CA HIS B 123 -10.79 4.59 -1.89
C HIS B 123 -11.89 5.12 -0.98
N PHE B 124 -12.83 5.87 -1.56
CA PHE B 124 -13.99 6.28 -0.79
C PHE B 124 -15.17 6.44 -1.73
N SER B 125 -16.36 6.67 -1.15
CA SER B 125 -17.58 6.67 -1.94
C SER B 125 -18.54 7.73 -1.40
N LEU B 126 -19.49 8.10 -2.26
CA LEU B 126 -20.55 9.05 -1.95
C LEU B 126 -21.85 8.54 -2.56
N GLU B 127 -22.97 8.76 -1.87
CA GLU B 127 -24.25 8.26 -2.35
C GLU B 127 -25.25 9.39 -2.39
N PHE B 128 -25.86 9.60 -3.55
CA PHE B 128 -26.94 10.58 -3.72
C PHE B 128 -28.21 9.76 -3.93
N ASN B 129 -29.03 9.69 -2.89
CA ASN B 129 -30.15 8.75 -2.82
C ASN B 129 -31.45 9.52 -3.00
N ASN B 130 -32.13 9.24 -4.10
CA ASN B 130 -33.45 9.82 -4.37
C ASN B 130 -34.52 8.73 -4.44
N SER B 131 -34.21 7.53 -3.96
CA SER B 131 -35.10 6.38 -4.11
C SER B 131 -36.43 6.56 -3.40
N LEU B 132 -36.54 7.53 -2.49
CA LEU B 132 -37.80 7.73 -1.79
C LEU B 132 -38.69 8.79 -2.44
N SER B 133 -38.15 9.57 -3.36
CA SER B 133 -38.96 10.53 -4.10
C SER B 133 -39.74 9.83 -5.21
N LEU B 134 -40.96 10.27 -5.43
CA LEU B 134 -41.82 9.66 -6.42
C LEU B 134 -42.52 10.75 -7.23
N THR B 135 -42.91 10.38 -8.43
CA THR B 135 -43.71 11.22 -9.30
C THR B 135 -44.94 10.43 -9.72
N LYS B 136 -46.04 11.14 -9.97
CA LYS B 136 -47.33 10.53 -10.27
C LYS B 136 -47.79 10.99 -11.66
N GLN B 137 -47.82 10.03 -12.62
CA GLN B 137 -48.37 10.23 -13.96
C GLN B 137 -49.75 9.55 -14.01
N ASN B 138 -50.81 10.35 -13.90
CA ASN B 138 -52.18 9.82 -13.79
C ASN B 138 -52.24 8.80 -12.67
N GLN B 139 -52.27 7.52 -13.02
CA GLN B 139 -52.38 6.43 -12.06
C GLN B 139 -51.10 5.60 -11.98
N ASN B 140 -49.96 6.17 -12.39
CA ASN B 140 -48.68 5.51 -12.31
C ASN B 140 -47.71 6.35 -11.48
N ILE B 141 -46.82 5.65 -10.78
CA ILE B 141 -45.84 6.26 -9.89
C ILE B 141 -44.44 5.78 -10.28
N ILE B 142 -43.53 6.73 -10.48
CA ILE B 142 -42.14 6.49 -10.86
C ILE B 142 -41.24 6.93 -9.71
N TYR B 143 -40.40 6.01 -9.24
CA TYR B 143 -39.48 6.27 -8.14
C TYR B 143 -38.14 6.81 -8.65
N GLY B 144 -37.51 7.64 -7.83
CA GLY B 144 -36.17 8.10 -8.11
C GLY B 144 -35.14 7.00 -7.91
N ASN B 145 -33.91 7.29 -8.34
CA ASN B 145 -32.82 6.32 -8.30
C ASN B 145 -31.67 6.85 -7.44
N VAL B 146 -30.61 6.04 -7.33
CA VAL B 146 -29.47 6.32 -6.47
C VAL B 146 -28.21 6.37 -7.31
N ALA B 147 -27.40 7.41 -7.13
CA ALA B 147 -26.12 7.55 -7.81
C ALA B 147 -25.00 7.33 -6.80
N LYS B 148 -24.13 6.36 -7.08
CA LYS B 148 -23.02 6.03 -6.19
C LYS B 148 -21.70 6.32 -6.88
N ILE B 149 -20.95 7.27 -6.34
CA ILE B 149 -19.66 7.67 -6.89
C ILE B 149 -18.55 7.02 -6.06
N PHE B 150 -17.74 6.19 -6.72
CA PHE B 150 -16.58 5.52 -6.15
C PHE B 150 -15.31 6.21 -6.63
N ILE B 151 -14.57 6.83 -5.70
CA ILE B 151 -13.41 7.66 -5.98
C ILE B 151 -12.17 6.91 -5.51
N HIS B 152 -11.15 6.88 -6.36
CA HIS B 152 -9.85 6.30 -6.03
C HIS B 152 -8.77 7.35 -6.23
N ILE B 153 -7.96 7.60 -5.20
CA ILE B 153 -6.88 8.59 -5.25
C ILE B 153 -5.53 7.89 -5.22
N ASN B 154 -4.67 8.24 -6.19
CA ASN B 154 -3.30 7.76 -6.35
C ASN B 154 -2.30 8.57 -5.51
N GLN B 155 -1.06 8.09 -5.46
CA GLN B 155 0.03 8.76 -4.76
C GLN B 155 0.39 10.09 -5.43
N GLY B 156 0.89 11.03 -4.62
CA GLY B 156 1.05 12.43 -4.98
C GLY B 156 2.39 12.84 -5.52
N TYR B 157 3.28 11.88 -5.80
CA TYR B 157 4.56 12.11 -6.49
C TYR B 157 5.59 12.86 -5.66
N LYS B 158 5.30 14.07 -5.18
CA LYS B 158 6.33 14.87 -4.52
C LYS B 158 5.76 15.65 -3.33
N GLU B 159 6.52 15.67 -2.22
CA GLU B 159 6.14 16.45 -1.04
C GLU B 159 6.16 17.94 -1.35
N ILE B 160 5.35 18.69 -0.60
CA ILE B 160 5.26 20.14 -0.74
C ILE B 160 6.49 20.78 -0.12
N HIS B 161 7.14 21.68 -0.87
CA HIS B 161 8.23 22.48 -0.31
C HIS B 161 7.59 23.58 0.52
N GLY B 162 7.22 23.24 1.75
CA GLY B 162 6.40 24.12 2.55
C GLY B 162 6.63 23.97 4.04
N CYS B 163 5.75 24.59 4.83
CA CYS B 163 5.98 24.76 6.26
C CYS B 163 4.74 24.34 7.04
N ASP B 164 4.84 23.22 7.76
CA ASP B 164 3.78 22.75 8.64
C ASP B 164 4.10 23.19 10.06
N PHE B 165 3.33 24.16 10.55
CA PHE B 165 3.52 24.68 11.91
C PHE B 165 2.64 24.00 12.93
N THR B 166 1.93 22.93 12.56
CA THR B 166 1.08 22.17 13.47
C THR B 166 1.69 20.85 13.90
N GLY B 167 2.55 20.25 13.07
CA GLY B 167 3.07 18.92 13.31
C GLY B 167 2.14 17.79 12.93
N LYS B 168 0.94 18.09 12.44
CA LYS B 168 0.00 17.05 12.02
C LYS B 168 0.16 16.67 10.55
N TYR B 169 0.94 17.43 9.78
CA TYR B 169 1.12 17.13 8.37
C TYR B 169 2.59 16.83 8.08
N SER B 170 3.15 15.87 8.82
CA SER B 170 4.58 15.59 8.70
C SER B 170 4.92 15.02 7.34
N HIS B 171 4.06 14.16 6.80
CA HIS B 171 4.35 13.56 5.50
C HIS B 171 3.95 14.43 4.33
N LEU B 172 3.31 15.57 4.57
CA LEU B 172 2.83 16.42 3.49
C LEU B 172 3.77 17.56 3.14
N PHE B 173 4.57 18.02 4.09
CA PHE B 173 5.48 19.15 3.88
C PHE B 173 6.91 18.74 4.18
N THR B 174 7.85 19.57 3.72
CA THR B 174 9.26 19.33 3.97
C THR B 174 9.68 19.80 5.36
N TYR B 175 8.96 20.76 5.92
CA TYR B 175 9.19 21.25 7.28
C TYR B 175 7.97 20.96 8.13
N SER B 176 8.20 20.34 9.28
CA SER B 176 7.11 19.99 10.20
C SER B 176 7.67 20.01 11.61
N LYS B 177 6.93 20.61 12.53
CA LYS B 177 7.34 20.71 13.92
C LYS B 177 6.14 21.01 14.79
N LYS B 178 5.91 20.18 15.81
CA LYS B 178 4.84 20.44 16.76
C LYS B 178 5.02 21.83 17.38
N PRO B 179 3.97 22.64 17.47
CA PRO B 179 4.14 23.99 18.01
C PRO B 179 4.40 23.96 19.51
N LEU B 180 5.08 25.00 19.98
CA LEU B 180 5.40 25.18 21.39
C LEU B 180 5.16 26.63 21.77
N PRO B 181 4.71 26.89 22.99
CA PRO B 181 4.55 28.28 23.44
C PRO B 181 5.86 29.04 23.33
N ASN B 182 5.77 30.29 22.85
CA ASN B 182 6.90 31.20 22.65
C ASN B 182 7.81 30.78 21.52
N ASP B 183 7.32 30.01 20.55
CA ASP B 183 8.09 29.73 19.35
C ASP B 183 8.24 31.01 18.52
N ASP B 184 9.44 31.19 17.96
CA ASP B 184 9.72 32.29 17.04
C ASP B 184 10.52 31.69 15.88
N ASP B 185 9.82 31.02 14.98
CA ASP B 185 10.43 30.20 13.94
C ASP B 185 10.25 30.82 12.57
N ILE B 186 11.32 30.77 11.78
CA ILE B 186 11.34 31.28 10.40
C ILE B 186 11.63 30.09 9.49
N CYS B 187 10.73 29.85 8.52
CA CYS B 187 10.81 28.71 7.60
C CYS B 187 11.06 29.25 6.19
N ASN B 188 12.31 29.17 5.73
CA ASN B 188 12.72 29.65 4.42
C ASN B 188 12.54 28.55 3.38
N VAL B 189 11.94 28.90 2.25
CA VAL B 189 11.62 27.95 1.19
C VAL B 189 12.00 28.56 -0.15
N THR B 190 12.70 27.80 -0.99
CA THR B 190 13.04 28.19 -2.34
C THR B 190 12.46 27.16 -3.31
N ILE B 191 11.60 27.63 -4.22
CA ILE B 191 10.93 26.76 -5.18
C ILE B 191 11.22 27.24 -6.60
N GLY B 192 11.16 26.30 -7.53
CA GLY B 192 11.33 26.60 -8.94
C GLY B 192 10.07 26.41 -9.76
N ASN B 193 10.24 26.04 -11.03
CA ASN B 193 9.11 25.86 -11.93
C ASN B 193 8.28 24.64 -11.51
N ASN B 194 6.96 24.81 -11.46
CA ASN B 194 6.02 23.69 -11.25
C ASN B 194 6.34 22.92 -9.97
N THR B 195 6.63 23.64 -8.90
CA THR B 195 6.91 23.03 -7.61
C THR B 195 5.96 23.63 -6.59
N PHE B 196 5.25 22.77 -5.87
CA PHE B 196 4.27 23.22 -4.89
C PHE B 196 4.93 23.75 -3.63
N SER B 197 4.39 24.85 -3.11
CA SER B 197 4.69 25.31 -1.76
C SER B 197 3.39 25.51 -1.02
N GLY B 198 3.50 25.84 0.26
CA GLY B 198 2.34 26.06 1.08
C GLY B 198 2.67 25.95 2.55
N PHE B 199 1.63 26.10 3.35
CA PHE B 199 1.81 26.04 4.80
C PHE B 199 0.57 25.55 5.49
N ALA B 200 0.75 25.21 6.77
CA ALA B 200 -0.32 24.79 7.67
C ALA B 200 -0.10 25.38 9.04
N CYS B 201 -1.16 25.92 9.65
CA CYS B 201 -1.07 26.37 11.03
C CYS B 201 -2.44 26.21 11.69
N LEU B 202 -2.52 26.55 12.98
CA LEU B 202 -3.78 26.40 13.69
C LEU B 202 -4.79 27.44 13.21
N SER B 203 -6.05 27.02 13.12
CA SER B 203 -7.09 27.86 12.54
C SER B 203 -7.33 29.13 13.35
N HIS B 204 -7.20 29.06 14.68
CA HIS B 204 -7.43 30.26 15.47
C HIS B 204 -6.25 31.22 15.46
N PHE B 205 -5.09 30.82 14.95
CA PHE B 205 -4.01 31.79 14.78
C PHE B 205 -4.41 32.83 13.74
N GLU B 206 -3.70 33.96 13.79
CA GLU B 206 -3.93 35.05 12.86
C GLU B 206 -3.02 34.91 11.65
N LEU B 207 -3.63 34.76 10.48
CA LEU B 207 -2.88 34.66 9.24
C LEU B 207 -2.77 36.05 8.61
N LYS B 208 -1.55 36.51 8.38
CA LYS B 208 -1.26 37.82 7.83
C LYS B 208 -0.32 37.71 6.64
N PRO B 209 -0.57 38.47 5.57
CA PRO B 209 -1.76 39.32 5.36
C PRO B 209 -2.97 38.44 5.06
N ASN B 210 -4.15 39.03 4.84
CA ASN B 210 -5.38 38.26 4.79
C ASN B 210 -5.37 37.26 3.64
N ASN B 211 -5.69 36.00 3.97
CA ASN B 211 -5.90 34.92 3.00
C ASN B 211 -4.65 34.62 2.18
N CYS B 212 -3.47 34.68 2.81
CA CYS B 212 -2.25 34.28 2.14
CA CYS B 212 -2.24 34.25 2.18
C CYS B 212 -2.45 32.91 1.48
N PHE B 213 -1.95 32.78 0.25
CA PHE B 213 -1.14 33.77 -0.46
C PHE B 213 -1.89 34.80 -1.31
N SER B 214 -3.21 34.92 -1.12
CA SER B 214 -3.97 35.88 -1.93
C SER B 214 -3.39 37.28 -1.82
N SER B 215 -2.85 37.64 -0.67
CA SER B 215 -2.01 38.82 -0.50
C SER B 215 -0.76 38.41 0.27
N VAL B 216 0.36 39.06 0.00
CA VAL B 216 1.65 38.70 0.57
C VAL B 216 2.46 39.96 0.87
N TYR B 217 3.41 39.81 1.80
CA TYR B 217 4.43 40.83 2.03
C TYR B 217 5.50 40.69 0.96
N ASP B 218 5.58 41.67 0.06
CA ASP B 218 6.56 41.66 -1.02
C ASP B 218 7.91 42.13 -0.47
N TYR B 219 8.83 41.18 -0.30
CA TYR B 219 10.14 41.52 0.26
C TYR B 219 10.91 42.48 -0.63
N ASN B 220 10.65 42.47 -1.94
CA ASN B 220 11.35 43.37 -2.84
C ASN B 220 10.87 44.82 -2.71
N GLU B 221 9.78 45.06 -1.97
CA GLU B 221 9.27 46.40 -1.71
C GLU B 221 9.00 46.58 -0.23
N ALA B 222 10.01 46.29 0.59
CA ALA B 222 9.97 46.55 2.04
C ALA B 222 8.77 45.86 2.71
N ASN B 223 8.50 44.62 2.29
CA ASN B 223 7.39 43.83 2.83
C ASN B 223 6.05 44.55 2.72
N LYS B 224 5.86 45.31 1.65
CA LYS B 224 4.58 45.94 1.40
C LYS B 224 3.52 44.88 1.09
N VAL B 225 2.33 45.07 1.66
CA VAL B 225 1.22 44.16 1.39
C VAL B 225 0.74 44.35 -0.04
N LYS B 226 0.73 43.26 -0.81
CA LYS B 226 0.30 43.31 -2.21
C LYS B 226 -0.57 42.10 -2.52
N LYS B 227 -1.59 42.31 -3.36
CA LYS B 227 -2.29 41.19 -3.96
C LYS B 227 -1.32 40.34 -4.78
N LEU B 228 -1.58 39.04 -4.84
CA LEU B 228 -0.63 38.14 -5.50
C LEU B 228 -0.60 38.39 -7.00
N PHE B 229 -1.76 38.64 -7.63
CA PHE B 229 -1.79 38.87 -9.07
C PHE B 229 -1.02 40.12 -9.48
N ASP B 230 -0.76 41.03 -8.54
CA ASP B 230 0.12 42.16 -8.80
C ASP B 230 1.59 41.80 -8.81
N LEU B 231 1.94 40.57 -8.43
CA LEU B 231 3.29 40.06 -8.58
C LEU B 231 3.43 39.03 -9.69
N SER B 232 2.40 38.22 -9.92
CA SER B 232 2.49 37.16 -10.92
C SER B 232 1.09 36.85 -11.45
N THR B 233 1.00 36.70 -12.77
CA THR B 233 -0.20 36.20 -13.42
C THR B 233 -0.09 34.72 -13.74
N LYS B 234 1.10 34.15 -13.65
CA LYS B 234 1.33 32.74 -13.99
C LYS B 234 1.43 31.91 -12.71
N VAL B 235 0.37 31.96 -11.91
CA VAL B 235 0.37 31.34 -10.59
C VAL B 235 -1.01 30.77 -10.31
N GLU B 236 -1.03 29.68 -9.54
CA GLU B 236 -2.26 29.01 -9.12
C GLU B 236 -2.16 28.71 -7.64
N LEU B 237 -3.31 28.66 -6.97
CA LEU B 237 -3.30 28.48 -5.51
C LEU B 237 -4.65 27.95 -5.03
N ASP B 238 -4.66 27.56 -3.75
CA ASP B 238 -5.89 27.19 -3.06
C ASP B 238 -5.67 27.40 -1.56
N HIS B 239 -6.79 27.41 -0.83
CA HIS B 239 -6.73 27.81 0.57
C HIS B 239 -7.96 27.27 1.30
N ILE B 240 -7.77 26.96 2.58
CA ILE B 240 -8.87 26.65 3.49
C ILE B 240 -8.53 27.23 4.86
N LYS B 241 -9.46 27.98 5.43
CA LYS B 241 -9.19 28.70 6.67
C LYS B 241 -9.34 27.80 7.89
N GLN B 242 -10.33 26.91 7.89
CA GLN B 242 -10.59 26.06 9.05
C GLN B 242 -11.21 24.75 8.55
N ASN B 243 -10.38 23.71 8.44
CA ASN B 243 -10.89 22.40 8.05
C ASN B 243 -11.56 21.72 9.25
N THR B 244 -12.04 20.50 9.03
CA THR B 244 -12.75 19.78 10.08
C THR B 244 -11.87 19.47 11.27
N SER B 245 -10.55 19.37 11.08
CA SER B 245 -9.63 19.15 12.18
C SER B 245 -9.20 20.46 12.86
N GLY B 246 -9.62 21.62 12.35
CA GLY B 246 -9.30 22.87 12.97
C GLY B 246 -8.00 23.50 12.54
N TYR B 247 -7.58 23.31 11.29
CA TYR B 247 -6.31 23.82 10.81
C TYR B 247 -6.50 24.60 9.51
N THR B 248 -5.68 25.63 9.36
CA THR B 248 -5.63 26.46 8.17
C THR B 248 -4.51 25.94 7.26
N LEU B 249 -4.79 25.81 5.97
CA LEU B 249 -3.79 25.37 5.01
C LEU B 249 -3.88 26.19 3.73
N SER B 250 -2.73 26.42 3.11
CA SER B 250 -2.69 27.09 1.82
C SER B 250 -1.63 26.48 0.93
N TYR B 251 -1.94 26.38 -0.38
CA TYR B 251 -1.05 25.83 -1.38
C TYR B 251 -0.89 26.81 -2.52
N ILE B 252 0.30 26.78 -3.15
CA ILE B 252 0.62 27.68 -4.25
C ILE B 252 1.58 26.96 -5.21
N ILE B 253 1.51 27.33 -6.49
CA ILE B 253 2.40 26.76 -7.50
C ILE B 253 2.52 27.75 -8.66
N PHE B 254 3.75 27.93 -9.14
CA PHE B 254 4.05 28.79 -10.28
C PHE B 254 4.30 27.94 -11.53
N ASN B 255 3.92 28.49 -12.69
CA ASN B 255 4.15 27.84 -13.96
C ASN B 255 4.57 28.90 -14.98
N LYS B 256 5.73 28.71 -15.60
CA LYS B 256 6.19 29.60 -16.68
C LYS B 256 6.21 31.06 -16.26
N GLU B 257 6.50 31.30 -14.98
CA GLU B 257 6.73 32.64 -14.46
C GLU B 257 8.24 32.93 -14.52
N SER B 258 8.60 34.04 -15.16
CA SER B 258 9.99 34.37 -15.44
C SER B 258 10.57 35.41 -14.49
N THR B 259 9.77 35.96 -13.57
CA THR B 259 10.23 36.97 -12.62
C THR B 259 10.57 36.30 -11.29
N LYS B 260 11.77 36.57 -10.78
CA LYS B 260 12.17 36.09 -9.47
C LYS B 260 11.35 36.81 -8.40
N LEU B 261 10.77 36.05 -7.47
CA LEU B 261 9.86 36.61 -6.47
C LEU B 261 10.31 36.24 -5.07
N LYS B 262 10.08 37.15 -4.13
CA LYS B 262 10.28 36.90 -2.71
C LYS B 262 9.08 37.42 -1.95
N PHE B 263 8.39 36.54 -1.22
CA PHE B 263 7.22 36.96 -0.44
C PHE B 263 7.10 36.07 0.79
N SER B 264 6.24 36.47 1.72
CA SER B 264 6.18 35.78 3.00
C SER B 264 4.79 35.92 3.61
N CYS B 265 4.53 35.06 4.58
CA CYS B 265 3.28 35.06 5.33
C CYS B 265 3.55 34.70 6.78
N THR B 266 2.60 35.01 7.67
CA THR B 266 2.75 34.75 9.11
C THR B 266 1.46 34.18 9.70
N CYS B 267 1.62 33.16 10.55
CA CYS B 267 0.60 32.71 11.50
C CYS B 267 1.08 33.13 12.88
N SER B 268 0.39 34.08 13.50
CA SER B 268 0.79 34.58 14.80
C SER B 268 -0.34 34.35 15.79
N SER B 269 -0.01 33.79 16.95
CA SER B 269 -0.91 33.76 18.09
C SER B 269 -0.45 34.81 19.10
N ASN B 270 -1.19 34.90 20.20
CA ASN B 270 -0.75 35.78 21.29
C ASN B 270 0.57 35.35 21.91
N TYR B 271 1.06 34.14 21.61
CA TYR B 271 2.26 33.64 22.26
C TYR B 271 3.31 33.08 21.32
N SER B 272 3.01 32.89 20.04
CA SER B 272 3.97 32.30 19.11
C SER B 272 3.84 32.96 17.74
N ASN B 273 4.99 33.15 17.09
CA ASN B 273 5.07 33.68 15.73
C ASN B 273 5.61 32.60 14.80
N TYR B 274 4.96 32.42 13.65
CA TYR B 274 5.43 31.51 12.63
C TYR B 274 5.40 32.23 11.30
N THR B 275 6.45 32.07 10.49
CA THR B 275 6.56 32.83 9.26
C THR B 275 7.16 31.95 8.17
N ILE B 276 6.53 31.97 6.99
CA ILE B 276 7.01 31.25 5.81
C ILE B 276 7.51 32.28 4.81
N ARG B 277 8.76 32.13 4.38
CA ARG B 277 9.40 33.00 3.40
C ARG B 277 9.68 32.17 2.16
N ILE B 278 8.98 32.48 1.07
CA ILE B 278 9.10 31.78 -0.19
C ILE B 278 9.91 32.63 -1.15
N THR B 279 10.94 32.00 -1.71
CA THR B 279 11.75 32.56 -2.79
C THR B 279 11.48 31.73 -4.04
N PHE B 280 10.74 32.29 -4.99
CA PHE B 280 10.53 31.64 -6.28
C PHE B 280 11.59 32.11 -7.26
N ASP B 281 12.47 31.20 -7.67
CA ASP B 281 13.49 31.47 -8.68
C ASP B 281 13.25 30.59 -9.89
N PRO B 282 12.90 31.15 -11.05
CA PRO B 282 12.64 30.31 -12.23
C PRO B 282 13.87 29.55 -12.72
N ASN B 283 15.06 29.93 -12.25
CA ASN B 283 16.30 29.26 -12.64
C ASN B 283 16.73 28.20 -11.63
N TYR B 284 15.89 27.91 -10.62
CA TYR B 284 16.21 26.88 -9.66
C TYR B 284 16.01 25.49 -10.27
N ILE B 285 16.99 24.62 -10.04
CA ILE B 285 17.01 23.27 -10.59
C ILE B 285 16.82 22.26 -9.46
N ILE B 286 15.98 21.26 -9.71
CA ILE B 286 15.70 20.19 -8.73
C ILE B 286 16.96 19.33 -8.58
N PRO B 287 17.38 19.02 -7.33
CA PRO B 287 18.62 18.27 -7.11
C PRO B 287 18.61 16.85 -7.71
N GLN C 1 10.43 1.36 13.81
CA GLN C 1 11.06 0.17 14.36
C GLN C 1 11.63 -0.71 13.25
N VAL C 2 12.36 -0.09 12.31
CA VAL C 2 12.88 -0.79 11.15
C VAL C 2 14.29 -1.30 11.44
N GLN C 3 14.68 -2.34 10.71
CA GLN C 3 16.04 -2.89 10.77
C GLN C 3 16.67 -2.73 9.39
N LEU C 4 17.81 -2.07 9.33
CA LEU C 4 18.48 -1.73 8.08
C LEU C 4 19.71 -2.61 7.89
N GLN C 5 20.18 -2.67 6.65
CA GLN C 5 21.38 -3.44 6.31
C GLN C 5 21.96 -2.92 5.01
N GLU C 6 23.18 -2.40 5.07
CA GLU C 6 23.89 -1.92 3.89
C GLU C 6 24.52 -3.09 3.13
N SER C 7 24.88 -2.84 1.88
CA SER C 7 25.52 -3.85 1.05
C SER C 7 26.13 -3.18 -0.18
N GLY C 8 27.28 -3.71 -0.62
CA GLY C 8 27.92 -3.25 -1.82
C GLY C 8 29.33 -2.69 -1.68
N GLY C 9 29.92 -2.81 -0.48
CA GLY C 9 31.25 -2.28 -0.24
C GLY C 9 32.33 -3.07 -0.97
N GLY C 10 33.55 -2.52 -0.90
CA GLY C 10 34.70 -3.15 -1.52
C GLY C 10 35.71 -2.10 -2.00
N LEU C 11 36.61 -2.56 -2.87
CA LEU C 11 37.71 -1.75 -3.40
C LEU C 11 37.39 -1.28 -4.81
N VAL C 12 37.72 -0.01 -5.09
CA VAL C 12 37.50 0.63 -6.38
C VAL C 12 38.75 1.41 -6.75
N GLN C 13 38.85 1.80 -8.02
CA GLN C 13 39.90 2.66 -8.53
C GLN C 13 39.58 4.14 -8.25
N ALA C 14 40.61 4.98 -8.36
CA ALA C 14 40.50 6.41 -8.04
C ALA C 14 39.66 7.19 -9.04
N GLY C 15 38.92 6.52 -9.94
CA GLY C 15 38.00 7.20 -10.82
C GLY C 15 36.83 6.31 -11.19
N GLY C 16 36.67 5.21 -10.46
CA GLY C 16 35.64 4.23 -10.76
C GLY C 16 34.31 4.54 -10.10
N SER C 17 33.47 3.50 -10.01
CA SER C 17 32.10 3.63 -9.54
C SER C 17 31.74 2.45 -8.65
N LEU C 18 30.64 2.59 -7.92
CA LEU C 18 30.19 1.57 -6.99
C LEU C 18 28.77 1.90 -6.53
N ARG C 19 27.92 0.88 -6.44
CA ARG C 19 26.53 1.07 -6.03
C ARG C 19 26.34 0.43 -4.66
N LEU C 20 25.88 1.23 -3.69
CA LEU C 20 25.54 0.75 -2.35
C LEU C 20 24.02 0.63 -2.20
N SER C 21 23.60 -0.39 -1.46
CA SER C 21 22.19 -0.66 -1.26
C SER C 21 21.90 -0.82 0.23
N CYS C 22 20.72 -0.35 0.64
CA CYS C 22 20.25 -0.44 2.02
C CYS C 22 18.85 -1.03 1.99
N ALA C 23 18.65 -2.15 2.67
CA ALA C 23 17.38 -2.87 2.61
C ALA C 23 16.74 -2.87 3.99
N ALA C 24 15.51 -2.39 4.08
CA ALA C 24 14.74 -2.40 5.30
C ALA C 24 13.83 -3.62 5.31
N SER C 25 13.49 -4.07 6.52
CA SER C 25 12.71 -5.28 6.71
C SER C 25 11.26 -5.02 7.10
N GLU C 26 10.84 -3.77 7.20
CA GLU C 26 9.50 -3.41 7.65
C GLU C 26 8.74 -2.66 6.56
N HIS C 27 7.41 -2.83 6.58
CA HIS C 27 6.54 -2.15 5.61
C HIS C 27 6.55 -0.64 5.79
N THR C 28 6.98 -0.14 6.94
CA THR C 28 7.02 1.30 7.19
C THR C 28 8.17 2.01 6.48
N PHE C 29 8.97 1.30 5.68
CA PHE C 29 10.05 1.94 4.93
C PHE C 29 9.54 3.15 4.15
N ARG C 30 8.35 3.04 3.55
CA ARG C 30 7.78 4.10 2.74
C ARG C 30 7.41 5.35 3.56
N ASP C 31 7.37 5.25 4.88
CA ASP C 31 7.06 6.39 5.73
C ASP C 31 8.30 7.14 6.21
N TYR C 32 9.50 6.59 6.01
CA TYR C 32 10.72 7.16 6.53
C TYR C 32 11.52 7.88 5.44
N ALA C 33 12.15 8.99 5.84
CA ALA C 33 13.21 9.59 5.03
C ALA C 33 14.47 8.75 5.19
N MET C 34 15.16 8.48 4.07
CA MET C 34 16.34 7.64 4.12
C MET C 34 17.59 8.49 3.91
N GLY C 35 18.69 8.09 4.51
CA GLY C 35 19.91 8.88 4.46
C GLY C 35 21.15 8.02 4.47
N TRP C 36 22.24 8.63 4.01
CA TRP C 36 23.56 8.03 3.94
C TRP C 36 24.55 8.91 4.69
N PHE C 37 25.35 8.28 5.55
CA PHE C 37 26.45 8.91 6.26
C PHE C 37 27.72 8.09 6.00
N ARG C 38 28.88 8.73 6.17
CA ARG C 38 30.15 8.05 6.03
C ARG C 38 31.10 8.48 7.14
N GLN C 39 31.90 7.53 7.61
CA GLN C 39 32.83 7.74 8.72
C GLN C 39 34.21 7.26 8.27
N ALA C 40 35.15 8.19 8.16
CA ALA C 40 36.53 7.85 7.86
C ALA C 40 37.25 7.45 9.15
N PRO C 41 38.37 6.73 9.04
CA PRO C 41 39.07 6.30 10.26
C PRO C 41 39.52 7.47 11.11
N GLY C 42 38.93 7.59 12.30
CA GLY C 42 39.28 8.64 13.22
C GLY C 42 38.31 9.81 13.24
N LYS C 43 37.89 10.25 12.05
CA LYS C 43 37.01 11.41 11.94
C LYS C 43 35.57 11.04 12.35
N GLU C 44 34.68 12.04 12.28
CA GLU C 44 33.31 11.88 12.70
C GLU C 44 32.47 11.24 11.59
N ARG C 45 31.17 11.10 11.85
CA ARG C 45 30.23 10.51 10.89
C ARG C 45 29.63 11.65 10.07
N GLU C 46 30.20 11.88 8.89
CA GLU C 46 29.80 13.00 8.04
C GLU C 46 28.53 12.69 7.26
N PHE C 47 27.67 13.70 7.13
CA PHE C 47 26.47 13.57 6.32
C PHE C 47 26.84 13.41 4.85
N VAL C 48 26.21 12.45 4.17
CA VAL C 48 26.45 12.25 2.75
C VAL C 48 25.23 12.67 1.95
N ALA C 49 24.10 11.97 2.12
CA ALA C 49 22.94 12.23 1.27
C ALA C 49 21.64 11.84 1.97
N ALA C 50 20.53 12.22 1.36
CA ALA C 50 19.22 11.89 1.91
C ALA C 50 18.16 11.98 0.82
N ILE C 51 17.08 11.22 0.99
CA ILE C 51 15.96 11.20 0.05
C ILE C 51 14.67 11.06 0.83
N SER C 52 13.68 11.86 0.45
CA SER C 52 12.41 11.89 1.15
C SER C 52 11.62 10.62 0.89
N TRP C 53 10.53 10.45 1.63
CA TRP C 53 9.74 9.22 1.56
C TRP C 53 8.99 9.07 0.24
N SER C 54 8.75 10.17 -0.47
CA SER C 54 8.21 10.05 -1.82
C SER C 54 9.26 9.59 -2.82
N GLY C 55 10.54 9.77 -2.52
CA GLY C 55 11.60 9.42 -3.44
C GLY C 55 11.94 10.49 -4.46
N SER C 56 11.26 11.64 -4.44
CA SER C 56 11.42 12.66 -5.46
C SER C 56 12.25 13.86 -5.00
N ILE C 57 12.54 13.97 -3.71
CA ILE C 57 13.31 15.08 -3.17
C ILE C 57 14.57 14.52 -2.55
N LYS C 58 15.73 14.98 -3.03
CA LYS C 58 17.02 14.50 -2.61
C LYS C 58 17.86 15.66 -2.09
N TYR C 59 18.75 15.36 -1.14
CA TYR C 59 19.61 16.36 -0.52
C TYR C 59 21.01 15.77 -0.41
N TYR C 60 21.97 16.39 -1.08
CA TYR C 60 23.34 15.90 -1.09
C TYR C 60 24.26 16.87 -0.36
N ALA C 61 25.36 16.34 0.16
CA ALA C 61 26.41 17.19 0.70
C ALA C 61 27.28 17.73 -0.43
N ASP C 62 27.80 18.95 -0.24
CA ASP C 62 28.59 19.60 -1.27
C ASP C 62 29.81 18.79 -1.65
N SER C 63 30.29 17.92 -0.77
CA SER C 63 31.44 17.08 -1.06
C SER C 63 31.12 15.95 -2.05
N VAL C 64 29.85 15.66 -2.31
CA VAL C 64 29.50 14.52 -3.16
C VAL C 64 28.54 14.89 -4.26
N LYS C 65 28.26 16.19 -4.41
CA LYS C 65 27.32 16.63 -5.43
C LYS C 65 27.85 16.33 -6.83
N GLY C 66 26.94 15.88 -7.71
CA GLY C 66 27.30 15.52 -9.06
C GLY C 66 27.99 14.19 -9.20
N ARG C 67 28.67 13.69 -8.16
CA ARG C 67 29.35 12.41 -8.22
C ARG C 67 28.54 11.28 -7.62
N PHE C 68 27.69 11.56 -6.63
CA PHE C 68 26.84 10.56 -6.01
C PHE C 68 25.38 10.86 -6.32
N THR C 69 24.58 9.80 -6.45
CA THR C 69 23.16 9.89 -6.75
C THR C 69 22.39 8.97 -5.83
N ILE C 70 21.40 9.50 -5.14
CA ILE C 70 20.59 8.73 -4.21
C ILE C 70 19.23 8.47 -4.84
N SER C 71 18.67 7.29 -4.54
CA SER C 71 17.34 6.93 -5.03
C SER C 71 16.76 5.86 -4.13
N ARG C 72 15.47 5.55 -4.35
CA ARG C 72 14.82 4.51 -3.55
C ARG C 72 13.74 3.81 -4.36
N ASP C 73 13.47 2.56 -3.99
CA ASP C 73 12.35 1.76 -4.51
C ASP C 73 11.52 1.34 -3.30
N ASN C 74 10.38 2.03 -3.13
CA ASN C 74 9.50 1.77 -1.99
C ASN C 74 8.84 0.40 -2.09
N ALA C 75 8.56 -0.06 -3.32
CA ALA C 75 8.01 -1.40 -3.48
C ALA C 75 8.99 -2.46 -3.00
N LYS C 76 10.26 -2.31 -3.36
CA LYS C 76 11.31 -3.24 -2.91
C LYS C 76 11.82 -2.91 -1.51
N ARG C 77 11.34 -1.83 -0.90
CA ARG C 77 11.76 -1.44 0.44
C ARG C 77 13.27 -1.25 0.53
N THR C 78 13.88 -0.73 -0.55
CA THR C 78 15.33 -0.57 -0.57
C THR C 78 15.70 0.83 -1.04
N GLN C 79 16.91 1.23 -0.66
CA GLN C 79 17.48 2.52 -1.00
C GLN C 79 18.85 2.29 -1.64
N TYR C 80 19.24 3.20 -2.54
CA TYR C 80 20.47 3.04 -3.30
C TYR C 80 21.26 4.34 -3.29
N LEU C 81 22.59 4.20 -3.17
CA LEU C 81 23.56 5.29 -3.31
C LEU C 81 24.54 4.90 -4.41
N GLN C 82 24.40 5.50 -5.58
CA GLN C 82 25.29 5.25 -6.71
C GLN C 82 26.43 6.27 -6.69
N MET C 83 27.66 5.79 -6.54
CA MET C 83 28.84 6.62 -6.46
C MET C 83 29.62 6.49 -7.76
N SER C 84 29.99 7.63 -8.34
CA SER C 84 30.85 7.67 -9.51
C SER C 84 32.01 8.60 -9.24
N SER C 85 33.05 8.50 -10.08
CA SER C 85 34.24 9.32 -9.96
C SER C 85 34.79 9.30 -8.53
N LEU C 86 34.87 8.08 -7.99
CA LEU C 86 35.27 7.90 -6.60
C LEU C 86 36.69 8.39 -6.39
N LYS C 87 36.89 9.15 -5.34
CA LYS C 87 38.19 9.67 -4.98
C LYS C 87 38.71 8.97 -3.73
N PRO C 88 40.03 8.83 -3.58
CA PRO C 88 40.58 8.07 -2.43
C PRO C 88 40.04 8.47 -1.06
N GLU C 89 40.02 9.76 -0.73
CA GLU C 89 39.51 10.22 0.58
C GLU C 89 38.07 9.81 0.83
N ASP C 90 37.30 9.46 -0.21
CA ASP C 90 35.98 8.91 0.00
C ASP C 90 36.01 7.57 0.72
N THR C 91 37.19 6.94 0.85
CA THR C 91 37.33 5.71 1.61
C THR C 91 36.81 5.90 3.03
N ALA C 92 35.84 5.08 3.41
CA ALA C 92 35.19 5.19 4.71
C ALA C 92 34.20 4.06 4.90
N VAL C 93 33.61 3.98 6.09
CA VAL C 93 32.47 3.10 6.32
C VAL C 93 31.20 3.91 6.07
N TYR C 94 30.34 3.40 5.20
CA TYR C 94 29.08 4.03 4.87
C TYR C 94 27.96 3.36 5.65
N TYR C 95 27.15 4.17 6.33
CA TYR C 95 25.95 3.73 7.03
C TYR C 95 24.72 4.31 6.34
N CYS C 96 23.63 3.56 6.37
CA CYS C 96 22.33 4.11 6.00
C CYS C 96 21.50 4.30 7.27
N ALA C 97 20.65 5.31 7.25
CA ALA C 97 19.84 5.68 8.40
C ALA C 97 18.44 6.02 7.96
N ALA C 98 17.49 5.87 8.89
CA ALA C 98 16.09 6.20 8.65
C ALA C 98 15.65 7.26 9.66
N ARG C 99 14.77 8.14 9.20
CA ARG C 99 14.33 9.25 10.03
C ARG C 99 12.83 9.48 9.81
N TRP C 100 12.06 9.41 10.90
CA TRP C 100 10.66 9.76 10.83
C TRP C 100 10.51 11.27 10.75
N PRO C 101 9.55 11.77 9.98
CA PRO C 101 9.41 13.23 9.82
C PRO C 101 8.99 13.91 11.12
N GLY C 102 9.34 15.18 11.22
CA GLY C 102 9.03 15.99 12.38
C GLY C 102 10.25 16.73 12.90
N GLY C 103 9.99 17.65 13.82
CA GLY C 103 11.05 18.37 14.50
C GLY C 103 11.91 19.24 13.62
N GLY C 104 11.42 19.65 12.45
CA GLY C 104 12.17 20.52 11.57
C GLY C 104 12.20 20.04 10.13
N MET C 105 13.31 20.27 9.44
CA MET C 105 13.43 19.78 8.08
C MET C 105 13.54 18.26 8.05
N TRP C 106 13.09 17.67 6.94
CA TRP C 106 13.00 16.21 6.81
C TRP C 106 14.36 15.52 6.76
N TYR C 107 15.46 16.26 6.55
CA TYR C 107 16.77 15.64 6.42
C TYR C 107 17.71 15.93 7.60
N GLU C 108 17.29 16.77 8.55
CA GLU C 108 18.18 17.18 9.64
C GLU C 108 18.37 16.05 10.64
N PRO C 109 19.61 15.77 11.06
CA PRO C 109 19.82 14.86 12.19
C PRO C 109 19.16 15.41 13.44
N PRO C 110 18.84 14.55 14.42
CA PRO C 110 19.19 13.13 14.53
C PRO C 110 18.28 12.22 13.72
N TYR C 111 18.84 11.12 13.22
CA TYR C 111 18.06 10.06 12.61
C TYR C 111 17.71 9.01 13.66
N ASP C 112 16.70 8.20 13.36
CA ASP C 112 16.11 7.30 14.35
C ASP C 112 16.64 5.88 14.30
N TYR C 113 17.04 5.38 13.13
CA TYR C 113 17.53 4.01 13.01
C TYR C 113 18.76 4.00 12.13
N TRP C 114 19.66 3.05 12.40
CA TRP C 114 20.94 2.99 11.71
C TRP C 114 21.25 1.54 11.34
N GLY C 115 22.00 1.39 10.25
CA GLY C 115 22.53 0.09 9.85
C GLY C 115 23.87 -0.19 10.50
N GLN C 116 24.52 -1.24 10.02
CA GLN C 116 25.82 -1.65 10.54
C GLN C 116 26.99 -1.09 9.75
N GLY C 117 26.81 -0.80 8.47
CA GLY C 117 27.82 -0.15 7.67
C GLY C 117 28.53 -1.11 6.73
N THR C 118 29.08 -0.54 5.65
CA THR C 118 29.92 -1.29 4.72
C THR C 118 31.15 -0.45 4.37
N GLN C 119 32.28 -1.13 4.20
CA GLN C 119 33.55 -0.46 3.96
C GLN C 119 33.75 -0.21 2.47
N VAL C 120 34.13 1.02 2.13
CA VAL C 120 34.47 1.40 0.76
C VAL C 120 35.91 1.91 0.78
N THR C 121 36.75 1.30 -0.05
CA THR C 121 38.16 1.64 -0.15
C THR C 121 38.50 1.94 -1.60
N VAL C 122 39.29 2.98 -1.83
CA VAL C 122 39.61 3.41 -3.18
C VAL C 122 41.01 4.01 -3.20
N SER C 123 41.83 3.56 -4.14
CA SER C 123 43.21 4.05 -4.32
C SER C 123 43.67 3.67 -5.72
N SER C 124 44.76 4.29 -6.16
CA SER C 124 45.33 4.04 -7.48
C SER C 124 46.86 3.99 -7.45
N GLN D 1 20.71 -9.63 -2.20
CA GLN D 1 20.97 -10.30 -3.46
C GLN D 1 22.00 -9.54 -4.30
N VAL D 2 22.55 -8.47 -3.72
CA VAL D 2 23.49 -7.61 -4.45
C VAL D 2 24.71 -8.40 -4.89
N GLN D 3 25.31 -9.16 -3.97
CA GLN D 3 26.50 -9.95 -4.26
C GLN D 3 26.08 -11.39 -4.55
N LEU D 4 26.27 -11.83 -5.79
CA LEU D 4 26.01 -13.19 -6.21
C LEU D 4 27.32 -13.84 -6.66
N GLN D 5 27.62 -15.01 -6.12
CA GLN D 5 28.87 -15.69 -6.47
C GLN D 5 28.62 -17.17 -6.72
N GLU D 6 29.12 -17.68 -7.85
CA GLU D 6 28.97 -19.08 -8.21
C GLU D 6 30.16 -19.90 -7.74
N SER D 7 29.92 -21.19 -7.55
CA SER D 7 30.96 -22.17 -7.24
C SER D 7 30.64 -23.47 -7.96
N GLY D 8 31.68 -24.20 -8.32
CA GLY D 8 31.58 -25.37 -9.16
C GLY D 8 32.08 -25.08 -10.57
N GLY D 9 32.07 -26.13 -11.39
CA GLY D 9 32.47 -25.99 -12.77
C GLY D 9 33.79 -26.67 -13.13
N GLY D 10 33.74 -27.59 -14.09
CA GLY D 10 34.91 -28.34 -14.49
C GLY D 10 34.67 -29.20 -15.72
N LEU D 11 35.27 -30.38 -15.77
CA LEU D 11 35.15 -31.28 -16.91
C LEU D 11 34.45 -32.56 -16.48
N VAL D 12 33.65 -33.13 -17.39
CA VAL D 12 32.81 -34.29 -17.12
C VAL D 12 32.83 -35.20 -18.35
N GLN D 13 32.40 -36.45 -18.18
CA GLN D 13 32.14 -37.37 -19.29
C GLN D 13 30.87 -36.95 -20.03
N ALA D 14 30.55 -37.65 -21.11
CA ALA D 14 29.36 -37.35 -21.91
C ALA D 14 28.07 -37.87 -21.31
N GLY D 15 28.11 -38.32 -20.04
CA GLY D 15 26.91 -38.78 -19.37
C GLY D 15 27.01 -38.61 -17.86
N GLY D 16 28.02 -37.87 -17.43
CA GLY D 16 28.27 -37.64 -16.03
C GLY D 16 27.46 -36.48 -15.47
N SER D 17 27.91 -35.97 -14.32
CA SER D 17 27.15 -34.96 -13.60
C SER D 17 28.09 -33.90 -13.05
N LEU D 18 27.51 -32.73 -12.75
CA LEU D 18 28.18 -31.68 -12.02
C LEU D 18 27.10 -30.93 -11.22
N ARG D 19 27.55 -29.98 -10.41
CA ARG D 19 26.64 -29.27 -9.52
C ARG D 19 27.16 -27.88 -9.26
N LEU D 20 26.35 -26.88 -9.58
CA LEU D 20 26.69 -25.49 -9.37
C LEU D 20 25.97 -24.96 -8.14
N SER D 21 26.60 -24.00 -7.47
CA SER D 21 25.99 -23.32 -6.35
C SER D 21 26.14 -21.81 -6.55
N CYS D 22 25.20 -21.07 -5.98
CA CYS D 22 25.17 -19.61 -6.06
C CYS D 22 24.85 -19.09 -4.68
N ALA D 23 25.72 -18.23 -4.15
CA ALA D 23 25.60 -17.70 -2.80
C ALA D 23 25.41 -16.20 -2.84
N ALA D 24 24.55 -15.71 -1.94
CA ALA D 24 24.36 -14.30 -1.69
C ALA D 24 24.32 -14.09 -0.17
N SER D 25 25.15 -13.17 0.32
CA SER D 25 25.26 -12.98 1.76
C SER D 25 24.21 -12.03 2.32
N GLU D 26 23.32 -11.51 1.48
CA GLU D 26 22.40 -10.46 1.86
C GLU D 26 21.04 -11.05 2.25
N HIS D 27 20.45 -10.51 3.33
CA HIS D 27 19.18 -11.04 3.83
C HIS D 27 18.09 -11.00 2.77
N THR D 28 18.04 -9.91 2.00
CA THR D 28 17.00 -9.75 0.99
C THR D 28 17.04 -10.82 -0.09
N PHE D 29 18.06 -11.69 -0.11
CA PHE D 29 18.03 -12.87 -0.97
C PHE D 29 16.72 -13.62 -0.77
N ARG D 30 16.18 -13.61 0.45
CA ARG D 30 14.92 -14.29 0.72
C ARG D 30 13.78 -13.83 -0.18
N ASP D 31 13.84 -12.60 -0.70
CA ASP D 31 12.74 -11.99 -1.44
C ASP D 31 12.87 -12.13 -2.96
N TYR D 32 13.99 -12.65 -3.45
CA TYR D 32 14.25 -12.70 -4.88
C TYR D 32 14.02 -14.10 -5.44
N ALA D 33 13.47 -14.16 -6.65
CA ALA D 33 13.44 -15.40 -7.40
C ALA D 33 14.83 -15.66 -7.98
N MET D 34 15.28 -16.92 -7.90
CA MET D 34 16.63 -17.28 -8.29
C MET D 34 16.63 -18.00 -9.63
N GLY D 35 17.74 -17.91 -10.35
CA GLY D 35 17.79 -18.51 -11.66
C GLY D 35 19.19 -18.70 -12.16
N TRP D 36 19.29 -19.50 -13.21
CA TRP D 36 20.52 -19.85 -13.89
C TRP D 36 20.35 -19.61 -15.38
N PHE D 37 21.37 -18.98 -15.97
CA PHE D 37 21.55 -18.81 -17.41
C PHE D 37 22.87 -19.42 -17.83
N ARG D 38 22.98 -19.78 -19.11
CA ARG D 38 24.23 -20.27 -19.69
C ARG D 38 24.51 -19.55 -21.00
N GLN D 39 25.79 -19.29 -21.26
CA GLN D 39 26.24 -18.69 -22.52
C GLN D 39 27.31 -19.57 -23.14
N ALA D 40 27.02 -20.09 -24.33
CA ALA D 40 27.95 -20.95 -25.05
C ALA D 40 28.94 -20.10 -25.83
N PRO D 41 30.04 -20.69 -26.33
CA PRO D 41 30.98 -19.94 -27.16
C PRO D 41 30.32 -19.24 -28.35
N GLY D 42 30.38 -17.91 -28.37
CA GLY D 42 29.82 -17.12 -29.45
C GLY D 42 28.32 -17.33 -29.65
N LYS D 43 27.57 -17.46 -28.56
CA LYS D 43 26.13 -17.64 -28.64
C LYS D 43 25.45 -16.71 -27.65
N GLU D 44 24.22 -16.31 -27.99
CA GLU D 44 23.44 -15.47 -27.09
C GLU D 44 23.13 -16.22 -25.80
N ARG D 45 23.18 -15.49 -24.69
CA ARG D 45 22.92 -16.11 -23.39
C ARG D 45 21.47 -16.60 -23.34
N GLU D 46 21.30 -17.83 -22.88
CA GLU D 46 19.99 -18.46 -22.87
C GLU D 46 19.59 -18.82 -21.45
N PHE D 47 18.27 -18.82 -21.22
CA PHE D 47 17.72 -19.19 -19.92
C PHE D 47 17.85 -20.69 -19.67
N VAL D 48 18.30 -21.04 -18.47
CA VAL D 48 18.43 -22.42 -18.02
C VAL D 48 17.30 -22.81 -17.04
N ALA D 49 17.23 -22.16 -15.88
CA ALA D 49 16.28 -22.60 -14.86
C ALA D 49 15.98 -21.48 -13.86
N ALA D 50 14.91 -21.67 -13.09
CA ALA D 50 14.55 -20.68 -12.07
C ALA D 50 13.76 -21.36 -10.95
N ILE D 51 13.87 -20.79 -9.75
CA ILE D 51 13.16 -21.26 -8.57
C ILE D 51 12.60 -20.06 -7.82
N SER D 52 11.39 -20.23 -7.29
CA SER D 52 10.70 -19.15 -6.61
C SER D 52 11.29 -18.93 -5.21
N TRP D 53 10.85 -17.84 -4.57
CA TRP D 53 11.39 -17.47 -3.27
C TRP D 53 11.02 -18.47 -2.20
N SER D 54 9.86 -19.13 -2.33
CA SER D 54 9.49 -20.16 -1.38
C SER D 54 10.32 -21.42 -1.56
N GLY D 55 11.01 -21.55 -2.68
CA GLY D 55 11.75 -22.75 -2.99
C GLY D 55 10.90 -23.92 -3.44
N SER D 56 9.59 -23.73 -3.63
CA SER D 56 8.69 -24.81 -3.98
C SER D 56 8.33 -24.89 -5.46
N ILE D 57 8.45 -23.79 -6.21
CA ILE D 57 8.00 -23.73 -7.60
C ILE D 57 9.22 -23.54 -8.48
N LYS D 58 9.42 -24.47 -9.41
CA LYS D 58 10.56 -24.43 -10.31
C LYS D 58 10.09 -24.31 -11.76
N TYR D 59 10.96 -23.76 -12.60
CA TYR D 59 10.67 -23.61 -14.02
C TYR D 59 11.97 -23.86 -14.79
N TYR D 60 11.94 -24.82 -15.70
CA TYR D 60 13.11 -25.20 -16.48
C TYR D 60 12.91 -24.88 -17.96
N ALA D 61 14.01 -24.67 -18.65
CA ALA D 61 13.98 -24.54 -20.11
C ALA D 61 13.88 -25.92 -20.75
N ASP D 62 13.25 -25.97 -21.93
CA ASP D 62 13.09 -27.24 -22.63
C ASP D 62 14.44 -27.89 -22.92
N SER D 63 15.48 -27.08 -23.12
CA SER D 63 16.80 -27.61 -23.40
C SER D 63 17.37 -28.44 -22.24
N VAL D 64 16.87 -28.24 -21.02
CA VAL D 64 17.45 -28.93 -19.87
C VAL D 64 16.39 -29.70 -19.09
N LYS D 65 15.12 -29.54 -19.46
CA LYS D 65 14.02 -30.24 -18.81
C LYS D 65 14.27 -31.74 -18.75
N GLY D 66 14.28 -32.29 -17.55
CA GLY D 66 14.48 -33.70 -17.33
C GLY D 66 15.86 -34.09 -16.87
N ARG D 67 16.87 -33.25 -17.12
CA ARG D 67 18.24 -33.52 -16.70
C ARG D 67 18.73 -32.61 -15.59
N PHE D 68 18.25 -31.36 -15.52
CA PHE D 68 18.73 -30.38 -14.55
C PHE D 68 17.69 -30.20 -13.45
N THR D 69 18.17 -29.94 -12.23
CA THR D 69 17.32 -29.74 -11.07
C THR D 69 17.81 -28.51 -10.31
N ILE D 70 16.89 -27.62 -9.96
CA ILE D 70 17.24 -26.40 -9.23
C ILE D 70 16.60 -26.48 -7.85
N SER D 71 17.29 -25.91 -6.86
CA SER D 71 16.71 -25.81 -5.51
C SER D 71 17.44 -24.72 -4.75
N ARG D 72 16.98 -24.44 -3.54
CA ARG D 72 17.55 -23.35 -2.75
C ARG D 72 17.39 -23.63 -1.27
N ASP D 73 18.34 -23.13 -0.49
CA ASP D 73 18.27 -23.10 0.96
C ASP D 73 18.21 -21.63 1.37
N ASN D 74 17.03 -21.20 1.84
CA ASN D 74 16.84 -19.81 2.18
C ASN D 74 17.56 -19.43 3.46
N ALA D 75 17.74 -20.39 4.37
CA ALA D 75 18.50 -20.12 5.58
C ALA D 75 19.95 -19.75 5.25
N LYS D 76 20.61 -20.57 4.42
CA LYS D 76 21.97 -20.26 3.99
C LYS D 76 22.02 -19.21 2.89
N ARG D 77 20.87 -18.85 2.32
CA ARG D 77 20.78 -17.92 1.20
C ARG D 77 21.58 -18.43 0.00
N THR D 78 21.40 -19.71 -0.30
CA THR D 78 22.09 -20.34 -1.41
C THR D 78 21.08 -21.00 -2.35
N GLN D 79 21.53 -21.23 -3.58
CA GLN D 79 20.77 -22.04 -4.53
C GLN D 79 21.73 -22.95 -5.27
N TYR D 80 21.21 -24.08 -5.74
CA TYR D 80 22.05 -25.08 -6.39
C TYR D 80 21.35 -25.62 -7.64
N LEU D 81 22.17 -25.96 -8.62
CA LEU D 81 21.74 -26.57 -9.87
C LEU D 81 22.49 -27.88 -10.05
N GLN D 82 21.78 -29.00 -9.91
CA GLN D 82 22.31 -30.33 -10.17
C GLN D 82 22.11 -30.66 -11.64
N MET D 83 23.22 -30.72 -12.39
CA MET D 83 23.20 -31.05 -13.80
C MET D 83 23.64 -32.50 -13.95
N SER D 84 22.76 -33.33 -14.49
CA SER D 84 23.06 -34.73 -14.75
C SER D 84 22.95 -35.01 -16.24
N SER D 85 23.56 -36.12 -16.66
CA SER D 85 23.54 -36.56 -18.06
C SER D 85 23.99 -35.44 -18.98
N LEU D 86 25.17 -34.89 -18.69
CA LEU D 86 25.67 -33.75 -19.43
C LEU D 86 26.03 -34.12 -20.86
N LYS D 87 25.81 -33.19 -21.77
CA LYS D 87 25.99 -33.39 -23.20
C LYS D 87 26.94 -32.35 -23.75
N PRO D 88 27.65 -32.65 -24.85
CA PRO D 88 28.64 -31.69 -25.38
C PRO D 88 28.10 -30.28 -25.63
N GLU D 89 26.81 -30.15 -25.93
CA GLU D 89 26.21 -28.83 -26.13
C GLU D 89 26.00 -28.08 -24.82
N ASP D 90 25.95 -28.79 -23.69
CA ASP D 90 25.83 -28.13 -22.40
C ASP D 90 27.09 -27.36 -22.01
N THR D 91 28.16 -27.46 -22.78
CA THR D 91 29.38 -26.71 -22.51
C THR D 91 29.11 -25.22 -22.63
N ALA D 92 29.31 -24.49 -21.53
CA ALA D 92 29.02 -23.06 -21.53
C ALA D 92 29.48 -22.43 -20.23
N VAL D 93 29.44 -21.10 -20.20
CA VAL D 93 29.64 -20.35 -18.95
C VAL D 93 28.29 -20.16 -18.30
N TYR D 94 28.13 -20.66 -17.09
CA TYR D 94 26.88 -20.57 -16.35
C TYR D 94 26.93 -19.43 -15.34
N TYR D 95 25.95 -18.54 -15.43
CA TYR D 95 25.76 -17.44 -14.49
C TYR D 95 24.50 -17.67 -13.67
N CYS D 96 24.49 -17.18 -12.43
CA CYS D 96 23.28 -17.16 -11.65
C CYS D 96 22.78 -15.73 -11.54
N ALA D 97 21.47 -15.58 -11.36
CA ALA D 97 20.83 -14.28 -11.38
C ALA D 97 19.63 -14.30 -10.45
N ALA D 98 19.30 -13.13 -9.93
CA ALA D 98 18.15 -12.96 -9.07
C ALA D 98 17.27 -11.85 -9.62
N ARG D 99 15.96 -11.96 -9.38
CA ARG D 99 15.06 -10.88 -9.77
C ARG D 99 13.96 -10.70 -8.73
N TRP D 100 13.59 -9.44 -8.51
CA TRP D 100 12.42 -9.13 -7.71
C TRP D 100 11.17 -9.40 -8.55
N PRO D 101 10.17 -10.07 -8.01
CA PRO D 101 9.00 -10.45 -8.81
C PRO D 101 8.22 -9.23 -9.29
N GLY D 102 7.41 -9.47 -10.31
CA GLY D 102 6.58 -8.45 -10.90
C GLY D 102 6.60 -8.52 -12.41
N GLY D 103 5.73 -7.70 -13.00
CA GLY D 103 5.70 -7.53 -14.44
C GLY D 103 5.28 -8.74 -15.24
N GLY D 104 4.63 -9.71 -14.61
CA GLY D 104 4.23 -10.91 -15.31
C GLY D 104 4.50 -12.17 -14.50
N MET D 105 4.88 -13.25 -15.17
CA MET D 105 5.26 -14.47 -14.47
C MET D 105 6.54 -14.24 -13.68
N TRP D 106 6.66 -14.97 -12.58
CA TRP D 106 7.76 -14.76 -11.65
C TRP D 106 9.11 -15.09 -12.28
N TYR D 107 9.17 -16.17 -13.07
CA TYR D 107 10.41 -16.63 -13.68
C TYR D 107 10.80 -15.84 -14.92
N GLU D 108 9.91 -15.01 -15.47
CA GLU D 108 10.19 -14.37 -16.74
C GLU D 108 11.23 -13.26 -16.57
N PRO D 109 12.20 -13.15 -17.48
CA PRO D 109 13.13 -12.02 -17.47
C PRO D 109 12.35 -10.72 -17.68
N PRO D 110 12.99 -9.56 -17.45
CA PRO D 110 14.41 -9.31 -17.14
C PRO D 110 14.81 -9.64 -15.70
N TYR D 111 15.98 -10.25 -15.53
CA TYR D 111 16.56 -10.47 -14.22
C TYR D 111 17.45 -9.29 -13.83
N ASP D 112 17.50 -9.01 -12.53
CA ASP D 112 18.11 -7.77 -12.05
C ASP D 112 19.60 -7.93 -11.79
N TYR D 113 19.98 -8.86 -10.93
CA TYR D 113 21.36 -8.98 -10.45
C TYR D 113 22.00 -10.23 -11.02
N TRP D 114 23.31 -10.17 -11.21
CA TRP D 114 24.06 -11.22 -11.89
C TRP D 114 25.36 -11.51 -11.17
N GLY D 115 25.85 -12.73 -11.37
CA GLY D 115 27.17 -13.12 -10.90
C GLY D 115 28.23 -12.85 -11.94
N GLN D 116 29.36 -13.53 -11.80
CA GLN D 116 30.45 -13.42 -12.76
C GLN D 116 30.56 -14.62 -13.69
N GLY D 117 30.07 -15.79 -13.27
CA GLY D 117 30.00 -16.94 -14.14
C GLY D 117 31.07 -17.98 -13.89
N THR D 118 30.72 -19.26 -14.04
CA THR D 118 31.69 -20.35 -13.91
C THR D 118 31.60 -21.24 -15.15
N GLN D 119 32.75 -21.70 -15.62
CA GLN D 119 32.82 -22.48 -16.86
C GLN D 119 32.46 -23.94 -16.61
N VAL D 120 31.72 -24.53 -17.54
CA VAL D 120 31.36 -25.94 -17.50
C VAL D 120 31.67 -26.57 -18.85
N THR D 121 32.54 -27.57 -18.85
CA THR D 121 32.97 -28.29 -20.04
C THR D 121 32.68 -29.78 -19.90
N VAL D 122 32.29 -30.41 -20.99
CA VAL D 122 32.07 -31.85 -21.04
C VAL D 122 32.63 -32.39 -22.36
N SER D 123 33.02 -33.67 -22.35
CA SER D 123 33.48 -34.35 -23.56
C SER D 123 33.62 -35.84 -23.32
#